data_1BCT
#
_entry.id   1BCT
#
_cell.length_a   1.000
_cell.length_b   1.000
_cell.length_c   1.000
_cell.angle_alpha   90.00
_cell.angle_beta   90.00
_cell.angle_gamma   90.00
#
_symmetry.space_group_name_H-M   'P 1'
#
_entity_poly.entity_id   1
_entity_poly.type   'polypeptide(L)'
_entity_poly.pdbx_seq_one_letter_code
;MRPEVASTFKVLRNVTVVLWSAYPVVWLIGSEGAGIVPLNIETLLFMVLDVSAKVGFGLILLRSRAIFG
;
_entity_poly.pdbx_strand_id   A
#
# COMPACT_ATOMS: atom_id res chain seq x y z
N MET A 1 -4.54 21.17 23.25
CA MET A 1 -4.17 21.23 21.83
C MET A 1 -4.15 22.67 21.32
N ARG A 2 -3.71 22.88 20.08
CA ARG A 2 -3.72 24.21 19.46
C ARG A 2 -3.96 24.08 17.94
N PRO A 3 -5.05 24.63 17.39
CA PRO A 3 -5.31 24.67 15.94
C PRO A 3 -4.51 25.78 15.24
N GLU A 4 -3.19 25.71 15.39
CA GLU A 4 -2.25 26.70 14.83
C GLU A 4 -2.19 26.63 13.30
N VAL A 5 -1.62 27.66 12.67
CA VAL A 5 -1.34 27.64 11.23
C VAL A 5 -0.32 26.52 10.94
N ALA A 6 0.78 26.51 11.69
CA ALA A 6 1.77 25.44 11.61
C ALA A 6 1.11 24.07 11.85
N SER A 7 0.39 23.93 12.97
CA SER A 7 -0.33 22.68 13.29
C SER A 7 -1.13 22.14 12.09
N THR A 8 -2.09 22.91 11.57
CA THR A 8 -2.93 22.43 10.46
C THR A 8 -2.11 22.06 9.21
N PHE A 9 -1.10 22.87 8.88
CA PHE A 9 -0.22 22.56 7.73
C PHE A 9 0.43 21.17 7.87
N LYS A 10 1.09 20.92 8.99
CA LYS A 10 1.72 19.61 9.24
C LYS A 10 0.70 18.45 9.21
N VAL A 11 -0.46 18.63 9.84
CA VAL A 11 -1.55 17.62 9.79
C VAL A 11 -1.91 17.28 8.33
N LEU A 12 -2.12 18.30 7.48
CA LEU A 12 -2.41 18.08 6.05
C LEU A 12 -1.35 17.19 5.41
N ARG A 13 -0.07 17.57 5.51
CA ARG A 13 1.03 16.76 4.95
C ARG A 13 1.02 15.32 5.45
N ASN A 14 0.88 15.12 6.76
CA ASN A 14 0.75 13.77 7.34
C ASN A 14 -0.34 12.95 6.62
N VAL A 15 -1.57 13.45 6.62
CA VAL A 15 -2.70 12.75 5.99
C VAL A 15 -2.41 12.39 4.53
N THR A 16 -1.98 13.36 3.72
CA THR A 16 -1.70 13.12 2.29
C THR A 16 -0.65 12.03 2.07
N VAL A 17 0.50 12.10 2.77
CA VAL A 17 1.55 11.07 2.65
C VAL A 17 1.04 9.68 3.03
N VAL A 18 0.34 9.56 4.17
CA VAL A 18 -0.26 8.28 4.58
C VAL A 18 -1.17 7.72 3.49
N LEU A 19 -2.13 8.52 3.01
CA LEU A 19 -3.07 8.11 1.94
C LEU A 19 -2.30 7.57 0.74
N TRP A 20 -1.32 8.35 0.25
CA TRP A 20 -0.46 7.94 -0.87
C TRP A 20 0.15 6.54 -0.69
N SER A 21 0.87 6.31 0.42
CA SER A 21 1.50 4.99 0.65
C SER A 21 0.45 3.87 0.73
N ALA A 22 -0.66 4.13 1.43
CA ALA A 22 -1.78 3.19 1.54
C ALA A 22 -2.43 2.88 0.18
N TYR A 23 -2.35 3.79 -0.79
CA TYR A 23 -3.10 3.64 -2.06
C TYR A 23 -2.78 2.33 -2.80
N PRO A 24 -1.51 2.01 -3.10
CA PRO A 24 -1.14 0.74 -3.75
C PRO A 24 -1.53 -0.49 -2.91
N VAL A 25 -1.41 -0.40 -1.57
CA VAL A 25 -1.83 -1.49 -0.69
C VAL A 25 -3.32 -1.81 -0.89
N VAL A 26 -4.18 -0.79 -0.74
CA VAL A 26 -5.64 -0.94 -0.95
C VAL A 26 -5.95 -1.49 -2.34
N TRP A 27 -5.30 -0.96 -3.38
CA TRP A 27 -5.44 -1.48 -4.75
C TRP A 27 -5.20 -3.01 -4.78
N LEU A 28 -4.01 -3.44 -4.35
CA LEU A 28 -3.62 -4.87 -4.36
C LEU A 28 -4.70 -5.74 -3.70
N ILE A 29 -5.19 -5.33 -2.52
CA ILE A 29 -6.32 -6.03 -1.89
C ILE A 29 -7.50 -6.15 -2.87
N GLY A 30 -7.96 -5.03 -3.42
CA GLY A 30 -9.04 -5.04 -4.43
C GLY A 30 -8.57 -5.39 -5.84
N SER A 31 -7.50 -6.19 -5.97
CA SER A 31 -7.10 -6.77 -7.27
C SER A 31 -6.14 -7.96 -7.05
N GLU A 32 -6.43 -8.77 -6.04
CA GLU A 32 -5.71 -10.04 -5.81
C GLU A 32 -5.59 -10.90 -7.09
N GLY A 33 -6.72 -11.37 -7.60
CA GLY A 33 -6.78 -12.12 -8.88
C GLY A 33 -6.67 -11.17 -10.07
N ALA A 34 -7.33 -10.01 -9.99
CA ALA A 34 -7.33 -9.05 -11.12
C ALA A 34 -5.91 -8.67 -11.56
N GLY A 35 -5.15 -8.02 -10.67
CA GLY A 35 -3.77 -7.62 -11.00
C GLY A 35 -2.78 -8.73 -10.61
N ILE A 36 -3.18 -10.00 -10.71
CA ILE A 36 -2.27 -11.11 -10.43
C ILE A 36 -1.17 -11.16 -11.50
N VAL A 37 -1.51 -10.85 -12.75
CA VAL A 37 -0.58 -10.94 -13.89
C VAL A 37 0.83 -10.38 -13.59
N PRO A 38 0.98 -9.11 -13.20
CA PRO A 38 2.30 -8.53 -12.86
C PRO A 38 2.97 -9.24 -11.68
N LEU A 39 2.19 -9.58 -10.64
CA LEU A 39 2.72 -10.33 -9.48
C LEU A 39 3.41 -11.62 -9.96
N ASN A 40 2.73 -12.42 -10.77
CA ASN A 40 3.28 -13.67 -11.32
C ASN A 40 4.62 -13.42 -12.03
N ILE A 41 4.66 -12.42 -12.93
CA ILE A 41 5.89 -12.07 -13.66
C ILE A 41 7.07 -11.85 -12.70
N GLU A 42 6.90 -11.00 -11.69
CA GLU A 42 7.95 -10.74 -10.69
C GLU A 42 8.38 -12.01 -9.97
N THR A 43 7.40 -12.78 -9.45
CA THR A 43 7.70 -14.04 -8.75
C THR A 43 8.58 -14.97 -9.59
N LEU A 44 8.21 -15.16 -10.87
CA LEU A 44 9.00 -15.96 -11.81
C LEU A 44 10.45 -15.45 -11.89
N LEU A 45 10.63 -14.16 -12.19
CA LEU A 45 11.96 -13.54 -12.27
C LEU A 45 12.81 -13.86 -11.04
N PHE A 46 12.27 -13.56 -9.86
CA PHE A 46 12.92 -13.85 -8.57
C PHE A 46 13.36 -15.32 -8.48
N MET A 47 12.44 -16.25 -8.72
CA MET A 47 12.73 -17.70 -8.68
C MET A 47 13.92 -18.07 -9.58
N VAL A 48 13.93 -17.60 -10.84
CA VAL A 48 15.05 -17.85 -11.75
C VAL A 48 16.39 -17.43 -11.13
N LEU A 49 16.45 -16.21 -10.58
CA LEU A 49 17.65 -15.73 -9.88
C LEU A 49 18.06 -16.71 -8.76
N ASP A 50 17.11 -17.08 -7.90
CA ASP A 50 17.36 -18.04 -6.80
C ASP A 50 18.05 -19.31 -7.32
N VAL A 51 17.46 -19.94 -8.33
CA VAL A 51 18.03 -21.17 -8.94
C VAL A 51 19.48 -20.95 -9.38
N SER A 52 19.75 -19.94 -10.21
CA SER A 52 21.11 -19.72 -10.73
C SER A 52 22.13 -19.53 -9.60
N ALA A 53 21.78 -18.73 -8.59
CA ALA A 53 22.64 -18.52 -7.41
C ALA A 53 22.97 -19.84 -6.70
N LYS A 54 21.94 -20.65 -6.42
CA LYS A 54 22.12 -21.96 -5.78
C LYS A 54 23.11 -22.86 -6.55
N VAL A 55 22.93 -22.98 -7.86
CA VAL A 55 23.87 -23.74 -8.70
C VAL A 55 25.31 -23.24 -8.53
N GLY A 56 25.53 -21.92 -8.68
CA GLY A 56 26.86 -21.32 -8.48
C GLY A 56 27.48 -21.70 -7.14
N PHE A 57 26.72 -21.52 -6.05
CA PHE A 57 27.16 -21.90 -4.70
C PHE A 57 27.64 -23.36 -4.66
N GLY A 58 26.84 -24.29 -5.19
CA GLY A 58 27.22 -25.70 -5.27
C GLY A 58 28.59 -25.90 -5.92
N LEU A 59 28.79 -25.32 -7.12
CA LEU A 59 30.07 -25.39 -7.83
C LEU A 59 31.24 -24.91 -6.95
N ILE A 60 31.10 -23.73 -6.35
CA ILE A 60 32.10 -23.18 -5.43
C ILE A 60 32.47 -24.17 -4.32
N LEU A 61 31.46 -24.70 -3.62
CA LEU A 61 31.66 -25.69 -2.54
C LEU A 61 32.49 -26.89 -3.01
N LEU A 62 32.12 -27.51 -4.13
CA LEU A 62 32.87 -28.64 -4.70
C LEU A 62 34.35 -28.30 -4.90
N ARG A 63 34.62 -27.17 -5.56
CA ARG A 63 35.99 -26.68 -5.76
C ARG A 63 36.76 -26.53 -4.44
N SER A 64 36.16 -25.85 -3.47
CA SER A 64 36.78 -25.63 -2.14
C SER A 64 37.19 -26.94 -1.48
N ARG A 65 36.26 -27.90 -1.36
CA ARG A 65 36.59 -29.19 -0.71
C ARG A 65 37.68 -29.97 -1.45
N ALA A 66 37.69 -29.92 -2.79
CA ALA A 66 38.76 -30.55 -3.58
C ALA A 66 40.14 -29.98 -3.25
N ILE A 67 40.26 -28.65 -3.26
CA ILE A 67 41.51 -27.95 -2.90
C ILE A 67 41.97 -28.32 -1.48
N PHE A 68 41.05 -28.30 -0.52
CA PHE A 68 41.35 -28.68 0.87
C PHE A 68 41.94 -30.08 0.99
N GLY A 69 41.25 -31.09 0.43
CA GLY A 69 41.74 -32.48 0.46
C GLY A 69 42.93 -32.76 -0.48
N MET A 1 -10.03 31.18 18.67
CA MET A 1 -9.14 32.35 18.74
C MET A 1 -8.04 32.31 17.66
N ARG A 2 -7.26 31.23 17.61
CA ARG A 2 -6.17 31.13 16.61
C ARG A 2 -5.68 29.68 16.46
N PRO A 3 -6.31 28.86 15.59
CA PRO A 3 -5.79 27.54 15.20
C PRO A 3 -4.47 27.69 14.43
N GLU A 4 -3.35 27.37 15.09
CA GLU A 4 -2.03 27.68 14.53
C GLU A 4 -1.79 27.15 13.11
N VAL A 5 -1.22 28.00 12.26
CA VAL A 5 -1.05 27.67 10.84
C VAL A 5 -0.02 26.55 10.68
N ALA A 6 1.08 26.62 11.44
CA ALA A 6 2.12 25.58 11.40
C ALA A 6 1.55 24.19 11.71
N SER A 7 0.73 24.09 12.77
CA SER A 7 0.17 22.78 13.17
C SER A 7 -0.79 22.25 12.10
N THR A 8 -1.70 23.12 11.63
CA THR A 8 -2.65 22.77 10.56
C THR A 8 -1.93 22.18 9.34
N PHE A 9 -0.88 22.87 8.86
CA PHE A 9 -0.10 22.37 7.72
C PHE A 9 0.47 20.98 7.99
N LYS A 10 1.17 20.80 9.12
CA LYS A 10 1.73 19.48 9.48
C LYS A 10 0.69 18.35 9.41
N VAL A 11 -0.48 18.56 10.01
CA VAL A 11 -1.57 17.57 9.94
C VAL A 11 -1.94 17.25 8.48
N LEU A 12 -2.18 18.28 7.66
CA LEU A 12 -2.49 18.08 6.22
C LEU A 12 -1.44 17.20 5.54
N ARG A 13 -0.17 17.58 5.66
CA ARG A 13 0.96 16.83 5.06
C ARG A 13 0.94 15.36 5.47
N ASN A 14 0.77 15.10 6.77
CA ASN A 14 0.63 13.72 7.28
C ASN A 14 -0.49 12.96 6.55
N VAL A 15 -1.71 13.49 6.59
CA VAL A 15 -2.88 12.85 5.96
C VAL A 15 -2.63 12.50 4.48
N THR A 16 -2.13 13.46 3.70
CA THR A 16 -1.84 13.20 2.27
C THR A 16 -0.83 12.07 2.09
N VAL A 17 0.34 12.14 2.73
CA VAL A 17 1.36 11.07 2.63
C VAL A 17 0.79 9.69 3.01
N VAL A 18 0.06 9.61 4.11
CA VAL A 18 -0.60 8.35 4.52
C VAL A 18 -1.50 7.82 3.38
N LEU A 19 -2.40 8.65 2.86
CA LEU A 19 -3.29 8.25 1.75
C LEU A 19 -2.46 7.67 0.58
N TRP A 20 -1.42 8.39 0.18
CA TRP A 20 -0.52 7.97 -0.92
C TRP A 20 0.03 6.56 -0.69
N SER A 21 0.66 6.30 0.46
CA SER A 21 1.23 4.98 0.76
C SER A 21 0.15 3.88 0.79
N ALA A 22 -1.00 4.20 1.41
CA ALA A 22 -2.16 3.29 1.44
C ALA A 22 -2.70 2.95 0.06
N TYR A 23 -2.50 3.81 -0.95
CA TYR A 23 -3.12 3.61 -2.27
C TYR A 23 -2.71 2.27 -2.91
N PRO A 24 -1.41 1.96 -3.09
CA PRO A 24 -0.97 0.66 -3.63
C PRO A 24 -1.40 -0.52 -2.75
N VAL A 25 -1.41 -0.35 -1.43
CA VAL A 25 -1.89 -1.40 -0.51
C VAL A 25 -3.34 -1.79 -0.84
N VAL A 26 -4.25 -0.82 -0.83
CA VAL A 26 -5.67 -1.04 -1.16
C VAL A 26 -5.82 -1.65 -2.55
N TRP A 27 -5.11 -1.11 -3.54
CA TRP A 27 -5.12 -1.67 -4.90
C TRP A 27 -4.79 -3.17 -4.90
N LEU A 28 -3.68 -3.55 -4.26
CA LEU A 28 -3.27 -4.96 -4.12
C LEU A 28 -4.41 -5.81 -3.55
N ILE A 29 -5.04 -5.37 -2.46
CA ILE A 29 -6.20 -6.09 -1.90
C ILE A 29 -7.27 -6.33 -2.99
N GLY A 30 -7.63 -5.27 -3.73
CA GLY A 30 -8.59 -5.37 -4.84
C GLY A 30 -8.08 -6.13 -6.07
N SER A 31 -6.76 -6.28 -6.24
CA SER A 31 -6.16 -6.75 -7.50
C SER A 31 -4.64 -6.96 -7.32
N GLU A 32 -4.29 -7.98 -6.55
CA GLU A 32 -2.90 -8.30 -6.20
C GLU A 32 -2.07 -8.74 -7.39
N GLY A 33 -2.60 -9.68 -8.18
CA GLY A 33 -1.87 -10.27 -9.31
C GLY A 33 -0.72 -11.15 -8.83
N ALA A 34 0.28 -11.38 -9.69
CA ALA A 34 1.50 -12.11 -9.30
C ALA A 34 2.47 -11.19 -8.53
N GLY A 35 1.96 -10.60 -7.45
CA GLY A 35 2.74 -9.64 -6.63
C GLY A 35 3.10 -8.40 -7.47
N ILE A 36 2.11 -7.77 -8.08
CA ILE A 36 2.37 -6.65 -9.00
C ILE A 36 2.99 -5.46 -8.25
N VAL A 37 2.36 -5.01 -7.16
CA VAL A 37 2.89 -3.87 -6.38
C VAL A 37 4.38 -4.05 -6.00
N PRO A 38 4.77 -5.12 -5.28
CA PRO A 38 6.18 -5.34 -4.89
C PRO A 38 7.12 -5.47 -6.10
N LEU A 39 6.70 -6.16 -7.15
CA LEU A 39 7.50 -6.25 -8.39
C LEU A 39 7.85 -4.86 -8.94
N ASN A 40 6.86 -3.99 -9.11
CA ASN A 40 7.11 -2.61 -9.56
C ASN A 40 8.08 -1.86 -8.65
N ILE A 41 7.90 -1.94 -7.33
CA ILE A 41 8.84 -1.33 -6.36
C ILE A 41 10.29 -1.77 -6.64
N GLU A 42 10.52 -3.09 -6.75
CA GLU A 42 11.84 -3.61 -7.11
C GLU A 42 12.36 -2.99 -8.41
N THR A 43 11.57 -3.10 -9.48
CA THR A 43 11.97 -2.64 -10.82
C THR A 43 12.39 -1.17 -10.84
N LEU A 44 11.59 -0.27 -10.27
CA LEU A 44 11.93 1.17 -10.27
C LEU A 44 13.24 1.44 -9.51
N LEU A 45 13.43 0.83 -8.34
CA LEU A 45 14.70 0.98 -7.58
C LEU A 45 15.90 0.54 -8.42
N PHE A 46 15.82 -0.66 -8.99
CA PHE A 46 16.87 -1.21 -9.87
C PHE A 46 17.22 -0.23 -10.99
N MET A 47 16.20 0.22 -11.73
CA MET A 47 16.36 1.19 -12.83
C MET A 47 17.13 2.44 -12.40
N VAL A 48 16.73 3.08 -11.30
CA VAL A 48 17.45 4.27 -10.78
C VAL A 48 18.96 3.99 -10.63
N LEU A 49 19.30 2.88 -9.96
CA LEU A 49 20.71 2.47 -9.80
C LEU A 49 21.42 2.34 -11.16
N ASP A 50 20.80 1.64 -12.10
CA ASP A 50 21.36 1.46 -13.46
C ASP A 50 21.68 2.79 -14.13
N VAL A 51 20.72 3.72 -14.15
CA VAL A 51 20.91 5.05 -14.74
C VAL A 51 22.07 5.80 -14.09
N SER A 52 22.07 5.93 -12.76
CA SER A 52 23.14 6.67 -12.06
C SER A 52 24.53 6.10 -12.37
N ALA A 53 24.66 4.77 -12.31
CA ALA A 53 25.92 4.09 -12.66
C ALA A 53 26.39 4.43 -14.08
N LYS A 54 25.48 4.31 -15.07
CA LYS A 54 25.80 4.64 -16.47
C LYS A 54 26.31 6.07 -16.62
N VAL A 55 25.61 7.05 -16.03
CA VAL A 55 26.06 8.46 -16.04
C VAL A 55 27.48 8.59 -15.48
N GLY A 56 27.74 8.04 -14.29
CA GLY A 56 29.08 8.06 -13.69
C GLY A 56 30.15 7.55 -14.66
N PHE A 57 29.93 6.38 -15.24
CA PHE A 57 30.83 5.79 -16.25
C PHE A 57 31.10 6.79 -17.39
N GLY A 58 30.04 7.39 -17.94
CA GLY A 58 30.17 8.42 -18.99
C GLY A 58 31.14 9.54 -18.59
N LEU A 59 30.87 10.20 -17.46
CA LEU A 59 31.77 11.27 -16.96
C LEU A 59 33.22 10.81 -16.85
N ILE A 60 33.46 9.62 -16.28
CA ILE A 60 34.81 9.05 -16.20
C ILE A 60 35.47 8.95 -17.59
N LEU A 61 34.75 8.37 -18.55
CA LEU A 61 35.23 8.26 -19.94
C LEU A 61 35.64 9.62 -20.52
N LEU A 62 34.80 10.64 -20.36
CA LEU A 62 35.16 12.01 -20.78
C LEU A 62 36.46 12.49 -20.14
N ARG A 63 36.58 12.40 -18.80
CA ARG A 63 37.82 12.81 -18.11
C ARG A 63 39.06 12.23 -18.80
N SER A 64 39.06 10.91 -18.98
CA SER A 64 40.21 10.21 -19.61
C SER A 64 40.45 10.64 -21.07
N ARG A 65 39.47 10.48 -21.95
CA ARG A 65 39.65 10.74 -23.38
C ARG A 65 39.31 12.19 -23.77
N ALA A 66 38.07 12.61 -23.53
CA ALA A 66 37.60 13.93 -24.01
C ALA A 66 38.49 15.08 -23.53
N ILE A 67 38.80 15.10 -22.23
CA ILE A 67 39.66 16.14 -21.63
C ILE A 67 41.16 15.78 -21.78
N PHE A 68 41.60 14.72 -21.10
CA PHE A 68 43.03 14.34 -21.06
C PHE A 68 43.46 13.53 -22.30
N GLY A 69 44.77 13.22 -22.37
CA GLY A 69 45.34 12.33 -23.40
C GLY A 69 45.60 13.00 -24.76
N MET A 1 -8.16 23.85 22.23
CA MET A 1 -6.84 24.27 21.76
C MET A 1 -6.95 25.34 20.66
N ARG A 2 -5.81 25.83 20.16
CA ARG A 2 -5.78 26.83 19.09
C ARG A 2 -4.81 26.39 17.98
N PRO A 3 -5.19 25.39 17.17
CA PRO A 3 -4.37 24.85 16.08
C PRO A 3 -4.26 25.80 14.87
N GLU A 4 -3.35 26.76 14.98
CA GLU A 4 -3.13 27.78 13.92
C GLU A 4 -2.50 27.17 12.66
N VAL A 5 -2.17 28.04 11.69
CA VAL A 5 -1.61 27.65 10.38
C VAL A 5 -0.47 26.62 10.53
N ALA A 6 0.43 26.81 11.48
CA ALA A 6 1.57 25.88 11.65
C ALA A 6 1.10 24.44 11.88
N SER A 7 0.31 24.22 12.93
CA SER A 7 -0.18 22.87 13.26
C SER A 7 -1.00 22.25 12.12
N THR A 8 -1.96 23.02 11.59
CA THR A 8 -2.81 22.53 10.48
C THR A 8 -1.98 22.08 9.27
N PHE A 9 -0.95 22.84 8.89
CA PHE A 9 -0.02 22.46 7.83
C PHE A 9 0.60 21.08 8.10
N LYS A 10 1.10 20.86 9.32
CA LYS A 10 1.64 19.55 9.72
C LYS A 10 0.62 18.42 9.45
N VAL A 11 -0.60 18.58 9.98
CA VAL A 11 -1.68 17.60 9.78
C VAL A 11 -1.91 17.31 8.29
N LEU A 12 -1.99 18.36 7.47
CA LEU A 12 -2.14 18.22 6.01
C LEU A 12 -1.10 17.26 5.42
N ARG A 13 0.19 17.57 5.60
CA ARG A 13 1.28 16.74 5.06
C ARG A 13 1.23 15.30 5.59
N ASN A 14 1.01 15.12 6.89
CA ASN A 14 0.81 13.79 7.48
C ASN A 14 -0.24 12.98 6.71
N VAL A 15 -1.48 13.50 6.66
CA VAL A 15 -2.60 12.82 5.99
C VAL A 15 -2.26 12.48 4.54
N THR A 16 -1.77 13.44 3.77
CA THR A 16 -1.43 13.19 2.35
C THR A 16 -0.43 12.04 2.16
N VAL A 17 0.68 12.04 2.90
CA VAL A 17 1.66 10.93 2.82
C VAL A 17 1.01 9.57 3.13
N VAL A 18 0.25 9.49 4.23
CA VAL A 18 -0.45 8.25 4.59
C VAL A 18 -1.38 7.77 3.46
N LEU A 19 -2.33 8.60 3.04
CA LEU A 19 -3.29 8.22 1.98
C LEU A 19 -2.58 7.79 0.69
N TRP A 20 -1.54 8.53 0.30
CA TRP A 20 -0.69 8.18 -0.85
C TRP A 20 -0.17 6.73 -0.76
N SER A 21 0.57 6.40 0.30
CA SER A 21 1.14 5.04 0.45
C SER A 21 0.03 3.97 0.51
N ALA A 22 -1.08 4.29 1.17
CA ALA A 22 -2.25 3.40 1.25
C ALA A 22 -2.80 2.99 -0.13
N TYR A 23 -2.70 3.84 -1.16
CA TYR A 23 -3.31 3.55 -2.47
C TYR A 23 -2.88 2.19 -3.05
N PRO A 24 -1.59 1.93 -3.29
CA PRO A 24 -1.12 0.64 -3.81
C PRO A 24 -1.51 -0.55 -2.93
N VAL A 25 -1.49 -0.35 -1.59
CA VAL A 25 -1.94 -1.41 -0.66
C VAL A 25 -3.41 -1.80 -0.95
N VAL A 26 -4.32 -0.83 -0.95
CA VAL A 26 -5.74 -1.07 -1.25
C VAL A 26 -5.93 -1.75 -2.60
N TRP A 27 -5.25 -1.24 -3.64
CA TRP A 27 -5.26 -1.87 -4.98
C TRP A 27 -4.95 -3.38 -4.89
N LEU A 28 -3.80 -3.71 -4.28
CA LEU A 28 -3.37 -5.11 -4.14
C LEU A 28 -4.46 -5.96 -3.49
N ILE A 29 -5.01 -5.50 -2.36
CA ILE A 29 -6.11 -6.22 -1.68
C ILE A 29 -7.27 -6.50 -2.66
N GLY A 30 -7.75 -5.47 -3.35
CA GLY A 30 -8.85 -5.61 -4.33
C GLY A 30 -8.47 -6.40 -5.60
N SER A 31 -7.17 -6.50 -5.91
CA SER A 31 -6.71 -6.97 -7.22
C SER A 31 -5.17 -7.11 -7.21
N GLU A 32 -4.69 -8.19 -6.57
CA GLU A 32 -3.25 -8.37 -6.32
C GLU A 32 -2.40 -8.52 -7.59
N GLY A 33 -2.52 -9.65 -8.30
CA GLY A 33 -1.72 -9.87 -9.52
C GLY A 33 -1.80 -11.30 -10.04
N ALA A 34 -2.55 -11.52 -11.12
CA ALA A 34 -2.69 -12.86 -11.73
C ALA A 34 -1.34 -13.53 -12.00
N GLY A 35 -0.39 -12.76 -12.55
CA GLY A 35 0.97 -13.26 -12.90
C GLY A 35 1.69 -13.96 -11.74
N ILE A 36 1.31 -13.68 -10.49
CA ILE A 36 1.94 -14.31 -9.32
C ILE A 36 1.81 -15.83 -9.38
N VAL A 37 0.68 -16.35 -9.85
CA VAL A 37 0.44 -17.81 -9.87
C VAL A 37 1.53 -18.54 -10.69
N PRO A 38 1.69 -18.26 -12.00
CA PRO A 38 2.74 -18.90 -12.82
C PRO A 38 4.15 -18.60 -12.30
N LEU A 39 4.41 -17.38 -11.82
CA LEU A 39 5.73 -17.05 -11.24
C LEU A 39 6.14 -18.03 -10.12
N ASN A 40 5.28 -18.22 -9.13
CA ASN A 40 5.54 -19.18 -8.04
C ASN A 40 5.71 -20.62 -8.55
N ILE A 41 4.87 -21.05 -9.49
CA ILE A 41 5.03 -22.39 -10.12
C ILE A 41 6.44 -22.57 -10.71
N GLU A 42 6.91 -21.58 -11.48
CA GLU A 42 8.28 -21.59 -12.02
C GLU A 42 9.33 -21.72 -10.92
N THR A 43 9.21 -20.91 -9.86
CA THR A 43 10.12 -20.98 -8.70
C THR A 43 10.21 -22.42 -8.14
N LEU A 44 9.06 -23.05 -7.91
CA LEU A 44 9.01 -24.45 -7.45
C LEU A 44 9.82 -25.37 -8.37
N LEU A 45 9.53 -25.33 -9.68
CA LEU A 45 10.26 -26.16 -10.66
C LEU A 45 11.79 -25.98 -10.54
N PHE A 46 12.26 -24.73 -10.54
CA PHE A 46 13.68 -24.43 -10.39
C PHE A 46 14.28 -25.09 -9.14
N MET A 47 13.62 -24.90 -7.99
CA MET A 47 14.06 -25.51 -6.72
C MET A 47 14.22 -27.03 -6.84
N VAL A 48 13.19 -27.73 -7.36
CA VAL A 48 13.26 -29.18 -7.57
C VAL A 48 14.51 -29.58 -8.39
N LEU A 49 14.71 -28.92 -9.53
CA LEU A 49 15.90 -29.17 -10.37
C LEU A 49 17.21 -29.06 -9.56
N ASP A 50 17.40 -27.94 -8.86
CA ASP A 50 18.59 -27.75 -8.02
C ASP A 50 18.79 -28.94 -7.07
N VAL A 51 17.78 -29.24 -6.26
CA VAL A 51 17.86 -30.37 -5.29
C VAL A 51 18.33 -31.66 -5.95
N SER A 52 17.68 -32.09 -7.04
CA SER A 52 18.06 -33.35 -7.71
C SER A 52 19.53 -33.34 -8.16
N ALA A 53 19.98 -32.23 -8.75
CA ALA A 53 21.39 -32.07 -9.14
C ALA A 53 22.34 -32.26 -7.94
N LYS A 54 22.06 -31.60 -6.82
CA LYS A 54 22.88 -31.75 -5.60
C LYS A 54 22.95 -33.21 -5.11
N VAL A 55 21.82 -33.91 -5.09
CA VAL A 55 21.79 -35.35 -4.74
C VAL A 55 22.73 -36.16 -5.65
N GLY A 56 22.62 -35.98 -6.97
CA GLY A 56 23.51 -36.62 -7.94
C GLY A 56 24.99 -36.37 -7.62
N PHE A 57 25.33 -35.09 -7.42
CA PHE A 57 26.70 -34.69 -7.02
C PHE A 57 27.19 -35.51 -5.81
N GLY A 58 26.40 -35.55 -4.74
CA GLY A 58 26.75 -36.34 -3.54
C GLY A 58 27.11 -37.79 -3.86
N LEU A 59 26.23 -38.49 -4.59
CA LEU A 59 26.46 -39.88 -5.00
C LEU A 59 27.79 -40.03 -5.75
N ILE A 60 27.99 -39.22 -6.79
CA ILE A 60 29.23 -39.24 -7.59
C ILE A 60 30.47 -39.04 -6.71
N LEU A 61 30.47 -38.02 -5.86
CA LEU A 61 31.59 -37.73 -4.95
C LEU A 61 31.98 -38.96 -4.12
N LEU A 62 31.00 -39.59 -3.48
CA LEU A 62 31.27 -40.82 -2.69
C LEU A 62 31.89 -41.91 -3.58
N ARG A 63 31.30 -42.18 -4.75
CA ARG A 63 31.86 -43.18 -5.68
C ARG A 63 33.32 -42.87 -6.05
N SER A 64 33.65 -41.61 -6.35
CA SER A 64 35.03 -41.27 -6.75
C SER A 64 36.07 -41.52 -5.65
N ARG A 65 35.90 -40.92 -4.47
CA ARG A 65 36.89 -41.00 -3.37
C ARG A 65 37.27 -42.43 -2.97
N ALA A 66 38.42 -42.91 -3.47
CA ALA A 66 38.95 -44.25 -3.17
C ALA A 66 37.94 -45.38 -3.47
N ILE A 67 37.10 -45.18 -4.49
CA ILE A 67 36.06 -46.15 -4.87
C ILE A 67 35.86 -46.16 -6.40
N PHE A 68 36.28 -45.09 -7.10
CA PHE A 68 36.03 -44.95 -8.55
C PHE A 68 36.42 -46.16 -9.41
N GLY A 69 35.74 -46.26 -10.56
CA GLY A 69 35.95 -47.35 -11.52
C GLY A 69 34.94 -47.28 -12.67
N MET A 1 -0.28 36.11 12.01
CA MET A 1 0.05 34.69 11.82
C MET A 1 0.17 33.97 13.17
N ARG A 2 -0.94 33.43 13.67
CA ARG A 2 -0.93 32.65 14.92
C ARG A 2 -0.02 31.41 14.81
N PRO A 3 0.41 30.82 15.94
CA PRO A 3 1.25 29.59 15.99
C PRO A 3 0.41 28.33 15.74
N GLU A 4 -0.31 28.37 14.63
CA GLU A 4 -1.38 27.43 14.28
C GLU A 4 -1.40 27.18 12.77
N VAL A 5 -0.92 28.16 11.99
CA VAL A 5 -0.71 27.93 10.55
C VAL A 5 0.21 26.71 10.36
N ALA A 6 1.29 26.66 11.15
CA ALA A 6 2.19 25.49 11.17
C ALA A 6 1.44 24.22 11.59
N SER A 7 0.64 24.30 12.66
CA SER A 7 -0.12 23.14 13.17
C SER A 7 -0.94 22.49 12.04
N THR A 8 -1.81 23.28 11.41
CA THR A 8 -2.67 22.80 10.31
C THR A 8 -1.86 22.23 9.13
N PHE A 9 -0.81 22.94 8.70
CA PHE A 9 0.05 22.47 7.60
C PHE A 9 0.62 21.07 7.88
N LYS A 10 1.18 20.87 9.08
CA LYS A 10 1.70 19.56 9.49
C LYS A 10 0.64 18.45 9.43
N VAL A 11 -0.54 18.69 10.01
CA VAL A 11 -1.65 17.72 9.94
C VAL A 11 -1.99 17.35 8.49
N LEU A 12 -2.11 18.34 7.61
CA LEU A 12 -2.35 18.10 6.18
C LEU A 12 -1.32 17.14 5.59
N ARG A 13 -0.03 17.47 5.72
CA ARG A 13 1.06 16.60 5.22
C ARG A 13 0.94 15.16 5.72
N ASN A 14 0.73 14.99 7.03
CA ASN A 14 0.52 13.65 7.62
C ASN A 14 -0.56 12.87 6.86
N VAL A 15 -1.78 13.42 6.80
CA VAL A 15 -2.92 12.73 6.14
C VAL A 15 -2.59 12.38 4.68
N THR A 16 -2.14 13.36 3.89
CA THR A 16 -1.86 13.15 2.46
C THR A 16 -0.82 12.03 2.22
N VAL A 17 0.32 12.07 2.90
CA VAL A 17 1.36 11.05 2.74
C VAL A 17 0.82 9.65 3.09
N VAL A 18 0.19 9.49 4.25
CA VAL A 18 -0.39 8.20 4.67
C VAL A 18 -1.35 7.66 3.60
N LEU A 19 -2.28 8.49 3.13
CA LEU A 19 -3.21 8.10 2.06
C LEU A 19 -2.47 7.58 0.82
N TRP A 20 -1.55 8.39 0.28
CA TRP A 20 -0.81 8.05 -0.94
C TRP A 20 -0.10 6.69 -0.83
N SER A 21 0.67 6.47 0.24
CA SER A 21 1.34 5.18 0.46
C SER A 21 0.34 4.01 0.55
N ALA A 22 -0.74 4.21 1.31
CA ALA A 22 -1.82 3.21 1.41
C ALA A 22 -2.53 2.93 0.08
N TYR A 23 -2.45 3.82 -0.92
CA TYR A 23 -3.21 3.68 -2.17
C TYR A 23 -2.88 2.36 -2.90
N PRO A 24 -1.61 2.07 -3.23
CA PRO A 24 -1.21 0.79 -3.85
C PRO A 24 -1.55 -0.41 -2.97
N VAL A 25 -1.50 -0.27 -1.64
CA VAL A 25 -1.91 -1.36 -0.73
C VAL A 25 -3.38 -1.75 -0.97
N VAL A 26 -4.28 -0.77 -0.94
CA VAL A 26 -5.71 -0.99 -1.24
C VAL A 26 -5.89 -1.66 -2.61
N TRP A 27 -5.19 -1.15 -3.64
CA TRP A 27 -5.21 -1.81 -4.96
C TRP A 27 -4.87 -3.30 -4.85
N LEU A 28 -3.72 -3.61 -4.25
CA LEU A 28 -3.25 -5.01 -4.07
C LEU A 28 -4.38 -5.90 -3.56
N ILE A 29 -5.08 -5.46 -2.50
CA ILE A 29 -6.28 -6.20 -2.03
C ILE A 29 -7.24 -6.45 -3.20
N GLY A 30 -7.71 -5.37 -3.83
CA GLY A 30 -8.64 -5.46 -4.97
C GLY A 30 -7.93 -5.75 -6.30
N SER A 31 -7.10 -6.79 -6.31
CA SER A 31 -6.45 -7.30 -7.54
C SER A 31 -5.93 -8.72 -7.31
N GLU A 32 -5.07 -8.90 -6.29
CA GLU A 32 -4.53 -10.23 -5.93
C GLU A 32 -4.20 -10.30 -4.43
N GLY A 33 -5.11 -9.83 -3.56
CA GLY A 33 -4.92 -10.05 -2.12
C GLY A 33 -6.17 -9.75 -1.28
N ALA A 34 -7.36 -9.94 -1.88
CA ALA A 34 -8.64 -9.89 -1.14
C ALA A 34 -8.88 -11.23 -0.45
N GLY A 35 -7.91 -11.62 0.35
CA GLY A 35 -7.85 -12.93 1.03
C GLY A 35 -6.56 -13.00 1.84
N ILE A 36 -5.45 -12.60 1.21
CA ILE A 36 -4.16 -12.51 1.89
C ILE A 36 -4.25 -11.56 3.08
N VAL A 37 -4.65 -10.30 2.85
CA VAL A 37 -4.72 -9.30 3.92
C VAL A 37 -5.62 -9.74 5.09
N PRO A 38 -6.90 -10.10 4.86
CA PRO A 38 -7.80 -10.53 5.96
C PRO A 38 -7.28 -11.75 6.71
N LEU A 39 -6.70 -12.74 6.02
CA LEU A 39 -6.07 -13.89 6.69
C LEU A 39 -4.99 -13.43 7.68
N ASN A 40 -4.04 -12.62 7.22
CA ASN A 40 -3.00 -12.07 8.11
C ASN A 40 -3.59 -11.36 9.33
N ILE A 41 -4.59 -10.50 9.13
CA ILE A 41 -5.29 -9.83 10.26
C ILE A 41 -5.78 -10.86 11.30
N GLU A 42 -6.55 -11.86 10.84
CA GLU A 42 -7.05 -12.94 11.72
C GLU A 42 -5.91 -13.57 12.53
N THR A 43 -4.83 -13.97 11.84
CA THR A 43 -3.65 -14.57 12.48
C THR A 43 -3.09 -13.68 13.60
N LEU A 44 -2.90 -12.38 13.32
CA LEU A 44 -2.41 -11.42 14.34
C LEU A 44 -3.27 -11.44 15.62
N LEU A 45 -4.58 -11.23 15.48
CA LEU A 45 -5.47 -11.24 16.67
C LEU A 45 -5.36 -12.55 17.47
N PHE A 46 -5.41 -13.69 16.77
CA PHE A 46 -5.25 -15.00 17.41
C PHE A 46 -3.94 -15.07 18.22
N MET A 47 -2.81 -14.73 17.59
CA MET A 47 -1.49 -14.72 18.23
C MET A 47 -1.50 -13.95 19.56
N VAL A 48 -2.05 -12.73 19.57
CA VAL A 48 -2.19 -11.95 20.82
C VAL A 48 -2.85 -12.78 21.93
N LEU A 49 -3.99 -13.39 21.62
CA LEU A 49 -4.69 -14.27 22.58
C LEU A 49 -3.77 -15.38 23.10
N ASP A 50 -3.13 -16.12 22.19
CA ASP A 50 -2.21 -17.21 22.58
C ASP A 50 -1.16 -16.74 23.61
N VAL A 51 -0.48 -15.63 23.32
CA VAL A 51 0.53 -15.06 24.24
C VAL A 51 -0.06 -14.75 25.62
N SER A 52 -1.18 -14.03 25.70
CA SER A 52 -1.76 -13.67 27.01
C SER A 52 -2.12 -14.92 27.83
N ALA A 53 -2.75 -15.91 27.19
CA ALA A 53 -3.08 -17.19 27.86
C ALA A 53 -1.83 -17.88 28.41
N LYS A 54 -0.78 -18.00 27.59
CA LYS A 54 0.50 -18.57 28.01
C LYS A 54 1.02 -17.93 29.30
N VAL A 55 1.11 -16.60 29.31
CA VAL A 55 1.57 -15.87 30.51
C VAL A 55 0.72 -16.21 31.75
N GLY A 56 -0.61 -16.13 31.63
CA GLY A 56 -1.52 -16.49 32.72
C GLY A 56 -1.20 -17.86 33.32
N PHE A 57 -1.10 -18.88 32.47
CA PHE A 57 -0.74 -20.25 32.92
C PHE A 57 0.59 -20.24 33.69
N GLY A 58 1.64 -19.66 33.09
CA GLY A 58 2.96 -19.59 33.73
C GLY A 58 2.88 -19.01 35.16
N LEU A 59 2.17 -17.89 35.31
CA LEU A 59 1.95 -17.29 36.64
C LEU A 59 1.29 -18.28 37.62
N ILE A 60 0.13 -18.84 37.25
CA ILE A 60 -0.58 -19.81 38.12
C ILE A 60 0.36 -20.93 38.61
N LEU A 61 1.20 -21.45 37.71
CA LEU A 61 2.21 -22.45 38.08
C LEU A 61 3.16 -21.88 39.15
N LEU A 62 3.84 -20.78 38.82
CA LEU A 62 4.76 -20.09 39.74
C LEU A 62 3.97 -19.17 40.68
N ARG A 63 3.01 -19.74 41.40
CA ARG A 63 2.13 -19.00 42.32
C ARG A 63 1.52 -19.97 43.35
N SER A 64 0.81 -21.01 42.90
CA SER A 64 0.24 -22.00 43.84
C SER A 64 -0.03 -23.35 43.15
N ARG A 65 0.99 -23.90 42.50
CA ARG A 65 0.87 -25.19 41.82
C ARG A 65 2.24 -25.87 41.73
N ALA A 66 3.23 -25.22 41.11
CA ALA A 66 4.62 -25.65 41.22
C ALA A 66 5.12 -25.32 42.63
N ILE A 67 4.83 -24.09 43.07
CA ILE A 67 5.08 -23.67 44.45
C ILE A 67 4.33 -24.58 45.43
N PHE A 68 3.10 -24.97 45.09
CA PHE A 68 2.29 -25.86 45.94
C PHE A 68 3.00 -27.22 46.13
N GLY A 69 3.36 -27.87 45.03
CA GLY A 69 4.10 -29.14 45.08
C GLY A 69 5.58 -28.99 45.53
N MET A 1 1.58 20.05 17.72
CA MET A 1 1.02 21.34 17.29
C MET A 1 1.19 22.41 18.38
N ARG A 2 1.17 23.69 17.98
CA ARG A 2 1.48 24.82 18.89
C ARG A 2 0.99 26.15 18.30
N PRO A 3 1.54 26.63 17.17
CA PRO A 3 1.02 27.82 16.47
C PRO A 3 -0.23 27.47 15.63
N GLU A 4 -0.81 28.45 14.92
CA GLU A 4 -1.96 28.14 14.07
C GLU A 4 -1.48 27.57 12.72
N VAL A 5 -0.96 28.44 11.84
CA VAL A 5 -0.64 28.09 10.45
C VAL A 5 0.30 26.88 10.32
N ALA A 6 1.43 26.92 11.02
CA ALA A 6 2.43 25.84 10.92
C ALA A 6 1.85 24.46 11.30
N SER A 7 1.05 24.38 12.37
CA SER A 7 0.57 23.06 12.82
C SER A 7 -0.51 22.52 11.88
N THR A 8 -1.47 23.35 11.46
CA THR A 8 -2.51 22.90 10.52
C THR A 8 -1.87 22.36 9.22
N PHE A 9 -0.86 23.06 8.70
CA PHE A 9 -0.09 22.59 7.53
C PHE A 9 0.53 21.21 7.81
N LYS A 10 1.24 21.08 8.95
CA LYS A 10 1.82 19.79 9.37
C LYS A 10 0.79 18.65 9.34
N VAL A 11 -0.38 18.85 9.95
CA VAL A 11 -1.46 17.85 9.97
C VAL A 11 -1.87 17.45 8.53
N LEU A 12 -2.19 18.43 7.69
CA LEU A 12 -2.58 18.17 6.29
C LEU A 12 -1.54 17.27 5.60
N ARG A 13 -0.28 17.68 5.66
CA ARG A 13 0.86 16.92 5.10
C ARG A 13 0.90 15.47 5.61
N ASN A 14 0.83 15.27 6.92
CA ASN A 14 0.80 13.93 7.52
C ASN A 14 -0.31 13.07 6.91
N VAL A 15 -1.54 13.57 6.93
CA VAL A 15 -2.70 12.84 6.38
C VAL A 15 -2.47 12.43 4.91
N THR A 16 -2.11 13.38 4.05
CA THR A 16 -1.87 13.07 2.62
C THR A 16 -0.85 11.95 2.43
N VAL A 17 0.28 11.98 3.16
CA VAL A 17 1.26 10.88 3.11
C VAL A 17 0.62 9.53 3.47
N VAL A 18 -0.15 9.47 4.57
CA VAL A 18 -0.85 8.22 4.95
C VAL A 18 -1.74 7.71 3.81
N LEU A 19 -2.64 8.53 3.30
CA LEU A 19 -3.52 8.13 2.18
C LEU A 19 -2.72 7.62 0.97
N TRP A 20 -1.66 8.34 0.60
CA TRP A 20 -0.77 7.93 -0.50
C TRP A 20 -0.28 6.48 -0.31
N SER A 21 0.34 6.18 0.82
CA SER A 21 0.88 4.82 1.08
C SER A 21 -0.23 3.75 1.09
N ALA A 22 -1.40 4.08 1.65
CA ALA A 22 -2.56 3.17 1.63
C ALA A 22 -2.95 2.74 0.20
N TYR A 23 -3.23 3.72 -0.67
CA TYR A 23 -3.72 3.48 -2.05
C TYR A 23 -3.13 2.26 -2.77
N PRO A 24 -1.81 2.13 -2.95
CA PRO A 24 -1.19 1.00 -3.67
C PRO A 24 -1.52 -0.34 -3.02
N VAL A 25 -1.43 -0.44 -1.69
CA VAL A 25 -1.81 -1.67 -0.97
C VAL A 25 -3.28 -2.01 -1.22
N VAL A 26 -4.16 -1.00 -1.12
CA VAL A 26 -5.61 -1.18 -1.40
C VAL A 26 -5.82 -1.84 -2.77
N TRP A 27 -5.23 -1.27 -3.82
CA TRP A 27 -5.32 -1.85 -5.17
C TRP A 27 -4.80 -3.29 -5.20
N LEU A 28 -3.58 -3.53 -4.71
CA LEU A 28 -2.93 -4.84 -4.73
C LEU A 28 -3.86 -5.97 -4.29
N ILE A 29 -4.52 -5.81 -3.14
CA ILE A 29 -5.51 -6.80 -2.70
C ILE A 29 -6.74 -6.80 -3.63
N GLY A 30 -7.25 -5.63 -4.01
CA GLY A 30 -8.34 -5.53 -5.01
C GLY A 30 -7.86 -5.78 -6.45
N SER A 31 -7.20 -6.91 -6.65
CA SER A 31 -6.72 -7.37 -7.96
C SER A 31 -6.18 -8.80 -7.81
N GLU A 32 -5.33 -9.04 -6.82
CA GLU A 32 -4.73 -10.37 -6.59
C GLU A 32 -4.81 -10.78 -5.11
N GLY A 33 -4.47 -9.89 -4.19
CA GLY A 33 -4.40 -10.20 -2.75
C GLY A 33 -5.78 -10.39 -2.09
N ALA A 34 -5.79 -10.44 -0.76
CA ALA A 34 -7.04 -10.68 0.01
C ALA A 34 -7.00 -10.08 1.43
N GLY A 35 -5.85 -9.57 1.87
CA GLY A 35 -5.68 -9.05 3.25
C GLY A 35 -6.75 -8.04 3.68
N ILE A 36 -7.19 -7.19 2.76
CA ILE A 36 -8.20 -6.16 3.05
C ILE A 36 -9.48 -6.73 3.69
N VAL A 37 -9.95 -7.91 3.28
CA VAL A 37 -11.31 -8.37 3.63
C VAL A 37 -11.72 -8.08 5.09
N PRO A 38 -11.01 -8.58 6.11
CA PRO A 38 -11.32 -8.30 7.52
C PRO A 38 -11.25 -6.79 7.86
N LEU A 39 -10.19 -6.12 7.43
CA LEU A 39 -10.02 -4.69 7.71
C LEU A 39 -11.21 -3.85 7.18
N ASN A 40 -11.58 -4.06 5.92
CA ASN A 40 -12.70 -3.34 5.29
C ASN A 40 -14.01 -3.52 6.06
N ILE A 41 -14.36 -4.76 6.43
CA ILE A 41 -15.55 -5.02 7.25
C ILE A 41 -15.55 -4.14 8.52
N GLU A 42 -14.45 -4.15 9.27
CA GLU A 42 -14.35 -3.30 10.47
C GLU A 42 -14.51 -1.82 10.13
N THR A 43 -13.84 -1.34 9.07
CA THR A 43 -13.94 0.06 8.63
C THR A 43 -15.40 0.48 8.43
N LEU A 44 -16.16 -0.25 7.61
CA LEU A 44 -17.58 0.08 7.38
C LEU A 44 -18.41 0.02 8.67
N LEU A 45 -18.15 -0.97 9.54
CA LEU A 45 -18.82 -1.04 10.85
C LEU A 45 -18.61 0.27 11.64
N PHE A 46 -17.36 0.68 11.80
CA PHE A 46 -17.00 1.94 12.48
C PHE A 46 -17.77 3.12 11.86
N MET A 47 -17.74 3.27 10.54
CA MET A 47 -18.49 4.34 9.84
C MET A 47 -19.96 4.39 10.26
N VAL A 48 -20.66 3.25 10.16
CA VAL A 48 -22.08 3.17 10.58
C VAL A 48 -22.27 3.63 12.04
N LEU A 49 -21.44 3.12 12.95
CA LEU A 49 -21.48 3.54 14.36
C LEU A 49 -21.35 5.07 14.52
N ASP A 50 -20.38 5.68 13.84
CA ASP A 50 -20.22 7.15 13.85
C ASP A 50 -21.51 7.84 13.41
N VAL A 51 -22.03 7.48 12.23
CA VAL A 51 -23.27 8.09 11.71
C VAL A 51 -24.42 8.02 12.74
N SER A 52 -24.73 6.82 13.23
CA SER A 52 -25.84 6.63 14.19
C SER A 52 -25.66 7.48 15.46
N ALA A 53 -24.48 7.39 16.09
CA ALA A 53 -24.20 8.18 17.31
C ALA A 53 -24.34 9.69 17.06
N LYS A 54 -23.76 10.17 15.96
CA LYS A 54 -23.80 11.58 15.57
C LYS A 54 -25.25 12.08 15.47
N VAL A 55 -26.10 11.35 14.74
CA VAL A 55 -27.53 11.68 14.66
C VAL A 55 -28.18 11.73 16.05
N GLY A 56 -27.97 10.69 16.86
CA GLY A 56 -28.51 10.66 18.24
C GLY A 56 -28.17 11.93 19.01
N PHE A 57 -26.89 12.32 19.02
CA PHE A 57 -26.46 13.58 19.64
C PHE A 57 -27.25 14.77 19.11
N GLY A 58 -27.39 14.87 17.78
CA GLY A 58 -28.22 15.92 17.15
C GLY A 58 -29.60 16.04 17.78
N LEU A 59 -30.31 14.91 17.91
CA LEU A 59 -31.63 14.90 18.60
C LEU A 59 -31.54 15.40 20.05
N ILE A 60 -30.62 14.83 20.83
CA ILE A 60 -30.42 15.25 22.24
C ILE A 60 -30.27 16.77 22.36
N LEU A 61 -29.45 17.37 21.51
CA LEU A 61 -29.32 18.83 21.45
C LEU A 61 -30.69 19.47 21.16
N LEU A 62 -31.27 19.17 19.99
CA LEU A 62 -32.55 19.76 19.57
C LEU A 62 -33.75 18.98 20.14
N ARG A 63 -33.76 18.82 21.46
CA ARG A 63 -34.86 18.15 22.19
C ARG A 63 -34.66 18.41 23.68
N SER A 64 -33.59 17.85 24.26
CA SER A 64 -33.31 18.04 25.69
C SER A 64 -32.85 19.49 25.90
N ARG A 65 -31.75 19.87 25.22
CA ARG A 65 -31.27 21.26 25.27
C ARG A 65 -32.02 22.09 24.21
N ALA A 66 -33.34 22.12 24.37
CA ALA A 66 -34.24 22.90 23.51
C ALA A 66 -35.56 23.10 24.26
N ILE A 67 -36.27 22.01 24.53
CA ILE A 67 -37.57 22.06 25.22
C ILE A 67 -37.40 22.51 26.67
N PHE A 68 -36.36 21.99 27.35
CA PHE A 68 -36.11 22.30 28.76
C PHE A 68 -36.00 23.81 29.03
N GLY A 69 -35.41 24.57 28.10
CA GLY A 69 -34.98 25.95 28.40
C GLY A 69 -33.71 26.00 29.29
N MET A 1 -2.14 32.92 8.21
CA MET A 1 -1.91 31.85 9.19
C MET A 1 -1.11 32.36 10.41
N ARG A 2 -1.29 31.72 11.56
CA ARG A 2 -0.59 32.15 12.81
C ARG A 2 -0.85 31.19 13.97
N PRO A 3 -2.10 30.95 14.40
CA PRO A 3 -2.40 30.00 15.49
C PRO A 3 -2.09 28.54 15.10
N GLU A 4 -2.99 27.88 14.37
CA GLU A 4 -2.71 26.56 13.78
C GLU A 4 -1.86 26.67 12.51
N VAL A 5 -0.82 27.51 12.53
CA VAL A 5 0.07 27.66 11.36
C VAL A 5 0.84 26.36 11.10
N ALA A 6 1.72 25.98 12.03
CA ALA A 6 2.44 24.69 11.95
C ALA A 6 1.48 23.53 12.14
N SER A 7 0.49 23.72 13.01
CA SER A 7 -0.51 22.68 13.32
C SER A 7 -1.18 22.16 12.05
N THR A 8 -1.90 23.02 11.33
CA THR A 8 -2.64 22.62 10.12
C THR A 8 -1.69 22.10 9.03
N PHE A 9 -0.62 22.84 8.75
CA PHE A 9 0.34 22.42 7.70
C PHE A 9 0.81 20.97 7.93
N LYS A 10 1.29 20.69 9.15
CA LYS A 10 1.77 19.36 9.51
C LYS A 10 0.68 18.29 9.38
N VAL A 11 -0.50 18.52 9.97
CA VAL A 11 -1.61 17.55 9.91
C VAL A 11 -1.99 17.20 8.46
N LEU A 12 -2.26 18.22 7.63
CA LEU A 12 -2.63 17.99 6.23
C LEU A 12 -1.55 17.23 5.45
N ARG A 13 -0.28 17.65 5.57
CA ARG A 13 0.83 16.94 4.93
C ARG A 13 0.87 15.46 5.33
N ASN A 14 0.78 15.18 6.64
CA ASN A 14 0.71 13.80 7.13
C ASN A 14 -0.42 13.02 6.45
N VAL A 15 -1.65 13.54 6.49
CA VAL A 15 -2.81 12.88 5.87
C VAL A 15 -2.57 12.56 4.39
N THR A 16 -2.10 13.52 3.59
CA THR A 16 -1.83 13.27 2.16
C THR A 16 -0.79 12.14 1.96
N VAL A 17 0.33 12.18 2.69
CA VAL A 17 1.34 11.10 2.63
C VAL A 17 0.73 9.73 2.96
N VAL A 18 0.02 9.63 4.08
CA VAL A 18 -0.67 8.39 4.48
C VAL A 18 -1.59 7.88 3.36
N LEU A 19 -2.39 8.77 2.76
CA LEU A 19 -3.26 8.42 1.62
C LEU A 19 -2.44 7.80 0.48
N TRP A 20 -1.43 8.51 0.00
CA TRP A 20 -0.61 8.03 -1.14
C TRP A 20 0.01 6.65 -0.88
N SER A 21 0.63 6.45 0.29
CA SER A 21 1.18 5.13 0.67
C SER A 21 0.10 4.05 0.73
N ALA A 22 -1.04 4.37 1.34
CA ALA A 22 -2.20 3.47 1.39
C ALA A 22 -2.79 3.15 0.01
N TYR A 23 -2.55 3.98 -1.01
CA TYR A 23 -3.18 3.78 -2.34
C TYR A 23 -2.79 2.42 -2.94
N PRO A 24 -1.51 2.07 -3.08
CA PRO A 24 -1.08 0.75 -3.55
C PRO A 24 -1.55 -0.37 -2.61
N VAL A 25 -1.59 -0.15 -1.30
CA VAL A 25 -2.13 -1.16 -0.36
C VAL A 25 -3.58 -1.55 -0.72
N VAL A 26 -4.46 -0.56 -0.88
CA VAL A 26 -5.86 -0.80 -1.27
C VAL A 26 -5.94 -1.63 -2.56
N TRP A 27 -5.20 -1.22 -3.60
CA TRP A 27 -5.20 -1.99 -4.87
C TRP A 27 -4.69 -3.43 -4.67
N LEU A 28 -3.58 -3.60 -3.95
CA LEU A 28 -2.99 -4.90 -3.63
C LEU A 28 -4.07 -5.88 -3.13
N ILE A 29 -4.86 -5.43 -2.16
CA ILE A 29 -6.04 -6.19 -1.70
C ILE A 29 -6.99 -6.46 -2.88
N GLY A 30 -7.49 -5.38 -3.51
CA GLY A 30 -8.39 -5.48 -4.67
C GLY A 30 -7.64 -5.73 -5.98
N SER A 31 -6.78 -6.76 -6.00
CA SER A 31 -6.09 -7.19 -7.22
C SER A 31 -5.74 -8.68 -7.10
N GLU A 32 -5.03 -9.07 -6.04
CA GLU A 32 -4.73 -10.50 -5.80
C GLU A 32 -4.61 -10.76 -4.30
N GLY A 33 -3.58 -10.21 -3.64
CA GLY A 33 -3.42 -10.39 -2.19
C GLY A 33 -1.96 -10.45 -1.74
N ALA A 34 -1.24 -9.34 -1.89
CA ALA A 34 0.11 -9.17 -1.29
C ALA A 34 1.10 -10.30 -1.62
N GLY A 35 1.52 -10.42 -2.88
CA GLY A 35 2.57 -11.38 -3.26
C GLY A 35 2.86 -11.35 -4.75
N ILE A 36 1.93 -11.88 -5.55
CA ILE A 36 2.08 -11.87 -7.01
C ILE A 36 2.02 -10.43 -7.54
N VAL A 37 1.09 -9.62 -7.03
CA VAL A 37 0.87 -8.23 -7.49
C VAL A 37 2.18 -7.45 -7.73
N PRO A 38 3.08 -7.31 -6.75
CA PRO A 38 4.38 -6.65 -6.93
C PRO A 38 5.31 -7.42 -7.88
N LEU A 39 5.33 -8.76 -7.78
CA LEU A 39 6.14 -9.60 -8.67
C LEU A 39 5.88 -9.28 -10.16
N ASN A 40 4.61 -9.15 -10.55
CA ASN A 40 4.24 -8.74 -11.92
C ASN A 40 4.99 -7.46 -12.31
N ILE A 41 4.84 -6.41 -11.50
CA ILE A 41 5.47 -5.11 -11.77
C ILE A 41 6.96 -5.27 -12.10
N GLU A 42 7.69 -5.98 -11.23
CA GLU A 42 9.12 -6.24 -11.47
C GLU A 42 9.36 -6.96 -12.80
N THR A 43 8.67 -8.08 -13.04
CA THR A 43 8.82 -8.87 -14.28
C THR A 43 8.66 -7.99 -15.53
N LEU A 44 7.57 -7.22 -15.60
CA LEU A 44 7.31 -6.31 -16.71
C LEU A 44 8.42 -5.25 -16.86
N LEU A 45 8.80 -4.58 -15.76
CA LEU A 45 9.89 -3.59 -15.79
C LEU A 45 11.15 -4.18 -16.44
N PHE A 46 11.62 -5.32 -15.92
CA PHE A 46 12.79 -6.01 -16.47
C PHE A 46 12.61 -6.30 -17.97
N MET A 47 11.48 -6.89 -18.35
CA MET A 47 11.17 -7.17 -19.77
C MET A 47 11.36 -5.95 -20.66
N VAL A 48 10.79 -4.80 -20.28
CA VAL A 48 10.97 -3.54 -21.04
C VAL A 48 12.46 -3.22 -21.23
N LEU A 49 13.25 -3.28 -20.17
CA LEU A 49 14.71 -3.09 -20.26
C LEU A 49 15.33 -4.04 -21.30
N ASP A 50 15.04 -5.33 -21.17
CA ASP A 50 15.54 -6.37 -22.10
C ASP A 50 15.27 -5.98 -23.56
N VAL A 51 14.03 -5.62 -23.87
CA VAL A 51 13.65 -5.18 -25.23
C VAL A 51 14.47 -3.97 -25.69
N SER A 52 14.50 -2.88 -24.92
CA SER A 52 15.22 -1.66 -25.33
C SER A 52 16.70 -1.96 -25.62
N ALA A 53 17.35 -2.71 -24.73
CA ALA A 53 18.73 -3.16 -24.91
C ALA A 53 18.91 -3.95 -26.21
N LYS A 54 18.05 -4.94 -26.45
CA LYS A 54 18.06 -5.74 -27.69
C LYS A 54 18.04 -4.85 -28.94
N VAL A 55 17.09 -3.91 -29.01
CA VAL A 55 17.00 -2.96 -30.13
C VAL A 55 18.32 -2.21 -30.33
N GLY A 56 18.84 -1.58 -29.28
CA GLY A 56 20.12 -0.85 -29.35
C GLY A 56 21.24 -1.72 -29.92
N PHE A 57 21.40 -2.92 -29.36
CA PHE A 57 22.42 -3.89 -29.82
C PHE A 57 22.28 -4.15 -31.32
N GLY A 58 21.08 -4.49 -31.78
CA GLY A 58 20.81 -4.74 -33.21
C GLY A 58 21.29 -3.58 -34.10
N LEU A 59 20.88 -2.36 -33.75
CA LEU A 59 21.30 -1.15 -34.49
C LEU A 59 22.84 -1.03 -34.57
N ILE A 60 23.51 -1.12 -33.43
CA ILE A 60 24.98 -1.07 -33.37
C ILE A 60 25.65 -2.12 -34.28
N LEU A 61 25.19 -3.37 -34.18
CA LEU A 61 25.69 -4.47 -35.04
C LEU A 61 25.53 -4.15 -36.52
N LEU A 62 24.32 -3.74 -36.94
CA LEU A 62 24.06 -3.33 -38.34
C LEU A 62 25.11 -2.30 -38.79
N ARG A 63 25.23 -1.21 -38.04
CA ARG A 63 26.20 -0.15 -38.35
C ARG A 63 27.63 -0.68 -38.49
N SER A 64 28.21 -1.20 -37.41
CA SER A 64 29.65 -1.52 -37.39
C SER A 64 30.00 -2.95 -37.82
N ARG A 65 29.13 -3.64 -38.57
CA ARG A 65 29.38 -5.05 -38.94
C ARG A 65 28.73 -5.36 -40.29
N ALA A 66 27.42 -5.17 -40.41
CA ALA A 66 26.71 -5.41 -41.67
C ALA A 66 27.14 -4.39 -42.74
N ILE A 67 27.02 -3.11 -42.40
CA ILE A 67 27.47 -2.01 -43.27
C ILE A 67 29.00 -1.93 -43.25
N PHE A 68 29.58 -1.78 -42.05
CA PHE A 68 31.04 -1.85 -41.87
C PHE A 68 31.50 -3.32 -41.86
N GLY A 69 31.48 -3.93 -43.05
CA GLY A 69 32.00 -5.29 -43.24
C GLY A 69 31.98 -5.75 -44.71
N MET A 1 -1.35 25.45 22.53
CA MET A 1 -2.13 25.25 21.31
C MET A 1 -1.66 26.18 20.18
N ARG A 2 -1.10 25.61 19.11
CA ARG A 2 -0.72 26.39 17.92
C ARG A 2 -1.99 26.88 17.20
N PRO A 3 -2.09 28.16 16.84
CA PRO A 3 -3.20 28.71 16.03
C PRO A 3 -3.09 28.37 14.54
N GLU A 4 -3.15 27.07 14.24
CA GLU A 4 -3.22 26.56 12.86
C GLU A 4 -1.96 26.92 12.04
N VAL A 5 -2.04 26.76 10.72
CA VAL A 5 -1.02 27.22 9.75
C VAL A 5 0.27 26.39 9.87
N ALA A 6 1.09 26.64 10.90
CA ALA A 6 2.17 25.70 11.25
C ALA A 6 1.54 24.34 11.61
N SER A 7 0.50 24.41 12.46
CA SER A 7 -0.23 23.19 12.87
C SER A 7 -0.96 22.61 11.66
N THR A 8 -1.70 23.44 10.92
CA THR A 8 -2.45 22.97 9.74
C THR A 8 -1.54 22.22 8.76
N PHE A 9 -0.41 22.83 8.35
CA PHE A 9 0.51 22.19 7.39
C PHE A 9 0.99 20.83 7.90
N LYS A 10 1.46 20.75 9.16
CA LYS A 10 1.92 19.47 9.72
C LYS A 10 0.84 18.38 9.63
N VAL A 11 -0.38 18.69 10.09
CA VAL A 11 -1.50 17.74 10.05
C VAL A 11 -1.82 17.29 8.61
N LEU A 12 -2.14 18.24 7.74
CA LEU A 12 -2.52 17.92 6.35
C LEU A 12 -1.44 17.15 5.59
N ARG A 13 -0.17 17.51 5.76
CA ARG A 13 0.90 16.74 5.12
C ARG A 13 0.94 15.29 5.60
N ASN A 14 0.88 15.07 6.92
CA ASN A 14 0.81 13.68 7.45
C ASN A 14 -0.34 12.91 6.78
N VAL A 15 -1.54 13.50 6.79
CA VAL A 15 -2.73 12.88 6.17
C VAL A 15 -2.48 12.51 4.70
N THR A 16 -2.04 13.46 3.88
CA THR A 16 -1.79 13.19 2.44
C THR A 16 -0.80 12.04 2.23
N VAL A 17 0.32 12.02 2.95
CA VAL A 17 1.30 10.91 2.86
C VAL A 17 0.66 9.56 3.20
N VAL A 18 0.01 9.46 4.37
CA VAL A 18 -0.63 8.20 4.80
C VAL A 18 -1.68 7.71 3.78
N LEU A 19 -2.54 8.61 3.31
CA LEU A 19 -3.54 8.31 2.28
C LEU A 19 -2.85 7.74 1.02
N TRP A 20 -1.87 8.47 0.50
CA TRP A 20 -1.12 8.04 -0.70
C TRP A 20 -0.53 6.63 -0.55
N SER A 21 0.20 6.38 0.55
CA SER A 21 0.81 5.07 0.81
C SER A 21 -0.21 3.94 0.94
N ALA A 22 -1.34 4.20 1.61
CA ALA A 22 -2.45 3.24 1.70
C ALA A 22 -3.00 2.82 0.33
N TYR A 23 -3.26 3.81 -0.54
CA TYR A 23 -3.85 3.58 -1.87
C TYR A 23 -3.27 2.35 -2.63
N PRO A 24 -1.96 2.25 -2.90
CA PRO A 24 -1.37 1.11 -3.62
C PRO A 24 -1.58 -0.22 -2.88
N VAL A 25 -1.50 -0.23 -1.55
CA VAL A 25 -1.81 -1.45 -0.77
C VAL A 25 -3.25 -1.93 -1.05
N VAL A 26 -4.22 -1.01 -0.88
CA VAL A 26 -5.63 -1.32 -1.15
C VAL A 26 -5.84 -1.89 -2.56
N TRP A 27 -5.28 -1.19 -3.56
CA TRP A 27 -5.35 -1.66 -4.96
C TRP A 27 -4.80 -3.09 -5.10
N LEU A 28 -3.57 -3.30 -4.63
CA LEU A 28 -2.89 -4.61 -4.69
C LEU A 28 -3.79 -5.75 -4.18
N ILE A 29 -4.36 -5.57 -2.98
CA ILE A 29 -5.33 -6.53 -2.44
C ILE A 29 -6.44 -6.79 -3.47
N GLY A 30 -7.14 -5.73 -3.89
CA GLY A 30 -8.20 -5.86 -4.91
C GLY A 30 -7.64 -5.76 -6.34
N SER A 31 -6.61 -6.54 -6.66
CA SER A 31 -6.05 -6.58 -8.03
C SER A 31 -5.33 -7.91 -8.32
N GLU A 32 -4.68 -8.49 -7.30
CA GLU A 32 -4.10 -9.84 -7.41
C GLU A 32 -5.18 -10.94 -7.43
N GLY A 33 -5.94 -10.99 -8.53
CA GLY A 33 -6.95 -12.03 -8.78
C GLY A 33 -6.43 -13.44 -8.45
N ALA A 34 -5.20 -13.73 -8.90
CA ALA A 34 -4.52 -15.01 -8.60
C ALA A 34 -3.94 -15.03 -7.17
N GLY A 35 -4.82 -14.81 -6.21
CA GLY A 35 -4.49 -14.76 -4.78
C GLY A 35 -5.78 -14.53 -3.99
N ILE A 36 -6.47 -13.44 -4.31
CA ILE A 36 -7.75 -13.12 -3.65
C ILE A 36 -8.81 -14.19 -3.99
N VAL A 37 -8.98 -14.52 -5.27
CA VAL A 37 -10.02 -15.49 -5.68
C VAL A 37 -9.81 -16.87 -5.01
N PRO A 38 -8.64 -17.52 -5.14
CA PRO A 38 -8.41 -18.85 -4.54
C PRO A 38 -8.63 -18.87 -3.03
N LEU A 39 -8.12 -17.86 -2.29
CA LEU A 39 -8.37 -17.78 -0.84
C LEU A 39 -9.87 -17.67 -0.51
N ASN A 40 -10.62 -16.78 -1.17
CA ASN A 40 -12.07 -16.69 -0.96
C ASN A 40 -12.79 -18.03 -1.23
N ILE A 41 -12.45 -18.71 -2.32
CA ILE A 41 -13.00 -20.05 -2.60
C ILE A 41 -12.75 -21.01 -1.43
N GLU A 42 -11.49 -21.10 -0.98
CA GLU A 42 -11.13 -21.95 0.19
C GLU A 42 -11.99 -21.61 1.42
N THR A 43 -12.07 -20.32 1.76
CA THR A 43 -12.90 -19.83 2.88
C THR A 43 -14.34 -20.32 2.75
N LEU A 44 -14.97 -20.13 1.59
CA LEU A 44 -16.34 -20.60 1.35
C LEU A 44 -16.49 -22.11 1.57
N LEU A 45 -15.61 -22.92 0.97
CA LEU A 45 -15.65 -24.38 1.14
C LEU A 45 -15.63 -24.76 2.62
N PHE A 46 -14.65 -24.24 3.37
CA PHE A 46 -14.54 -24.48 4.81
C PHE A 46 -15.84 -24.08 5.53
N MET A 47 -16.36 -22.89 5.24
CA MET A 47 -17.62 -22.41 5.84
C MET A 47 -18.77 -23.41 5.64
N VAL A 48 -18.98 -23.90 4.42
CA VAL A 48 -20.00 -24.94 4.17
C VAL A 48 -19.81 -26.15 5.10
N LEU A 49 -18.59 -26.68 5.16
CA LEU A 49 -18.27 -27.81 6.07
C LEU A 49 -18.65 -27.50 7.52
N ASP A 50 -18.23 -26.35 8.03
CA ASP A 50 -18.55 -25.90 9.41
C ASP A 50 -20.06 -25.91 9.65
N VAL A 51 -20.81 -25.22 8.79
CA VAL A 51 -22.28 -25.14 8.93
C VAL A 51 -22.91 -26.53 8.98
N SER A 52 -22.65 -27.38 7.98
CA SER A 52 -23.23 -28.75 7.95
C SER A 52 -22.91 -29.55 9.22
N ALA A 53 -21.63 -29.55 9.64
CA ALA A 53 -21.21 -30.21 10.89
C ALA A 53 -22.01 -29.70 12.10
N LYS A 54 -22.10 -28.37 12.25
CA LYS A 54 -22.83 -27.74 13.37
C LYS A 54 -24.31 -28.15 13.38
N VAL A 55 -24.97 -28.19 12.22
CA VAL A 55 -26.35 -28.70 12.12
C VAL A 55 -26.43 -30.13 12.69
N GLY A 56 -25.59 -31.03 12.19
CA GLY A 56 -25.55 -32.43 12.69
C GLY A 56 -25.43 -32.48 14.22
N PHE A 57 -24.46 -31.74 14.77
CA PHE A 57 -24.29 -31.59 16.22
C PHE A 57 -25.62 -31.20 16.90
N GLY A 58 -26.28 -30.17 16.38
CA GLY A 58 -27.59 -29.72 16.89
C GLY A 58 -28.60 -30.87 17.02
N LEU A 59 -28.78 -31.63 15.94
CA LEU A 59 -29.68 -32.81 15.97
C LEU A 59 -29.29 -33.79 17.08
N ILE A 60 -28.01 -34.20 17.13
CA ILE A 60 -27.51 -35.14 18.15
C ILE A 60 -27.81 -34.64 19.58
N LEU A 61 -27.51 -33.37 19.85
CA LEU A 61 -27.84 -32.75 21.15
C LEU A 61 -29.33 -32.92 21.45
N LEU A 62 -30.19 -32.48 20.53
CA LEU A 62 -31.64 -32.70 20.63
C LEU A 62 -32.01 -34.11 20.16
N ARG A 63 -31.43 -35.09 20.84
CA ARG A 63 -31.65 -36.53 20.62
C ARG A 63 -31.19 -37.29 21.87
N SER A 64 -29.91 -37.15 22.20
CA SER A 64 -29.29 -37.82 23.35
C SER A 64 -29.39 -36.98 24.64
N ARG A 65 -29.05 -35.70 24.57
CA ARG A 65 -29.01 -34.84 25.77
C ARG A 65 -30.39 -34.27 26.12
N ALA A 66 -31.01 -33.55 25.19
CA ALA A 66 -32.29 -32.88 25.44
C ALA A 66 -33.47 -33.85 25.40
N ILE A 67 -33.61 -34.63 24.32
CA ILE A 67 -34.75 -35.55 24.19
C ILE A 67 -34.63 -36.71 25.19
N PHE A 68 -33.63 -37.57 25.01
CA PHE A 68 -33.37 -38.65 25.98
C PHE A 68 -32.77 -38.09 27.29
N GLY A 69 -32.68 -38.93 28.32
CA GLY A 69 -32.16 -38.49 29.62
C GLY A 69 -32.07 -39.64 30.66
N MET A 1 1.37 33.15 11.06
CA MET A 1 0.38 32.40 11.85
C MET A 1 -0.96 32.29 11.13
N ARG A 2 -1.37 33.36 10.42
CA ARG A 2 -2.64 33.35 9.66
C ARG A 2 -2.76 32.19 8.65
N PRO A 3 -1.77 31.94 7.77
CA PRO A 3 -1.86 30.95 6.68
C PRO A 3 -1.63 29.49 7.10
N GLU A 4 -2.52 28.99 7.97
CA GLU A 4 -2.58 27.59 8.44
C GLU A 4 -1.53 27.27 9.53
N VAL A 5 -0.29 27.73 9.30
CA VAL A 5 0.86 27.57 10.22
C VAL A 5 1.13 26.10 10.59
N ALA A 6 2.05 25.88 11.54
CA ALA A 6 2.44 24.51 11.96
C ALA A 6 1.23 23.62 12.27
N SER A 7 0.25 24.17 12.99
CA SER A 7 -0.94 23.40 13.40
C SER A 7 -1.61 22.69 12.22
N THR A 8 -2.12 23.45 11.25
CA THR A 8 -2.90 22.87 10.14
C THR A 8 -1.97 22.17 9.14
N PHE A 9 -0.84 22.80 8.82
CA PHE A 9 0.11 22.26 7.81
C PHE A 9 0.61 20.87 8.20
N LYS A 10 1.00 20.66 9.46
CA LYS A 10 1.49 19.34 9.91
C LYS A 10 0.44 18.26 9.64
N VAL A 11 -0.81 18.50 10.06
CA VAL A 11 -1.92 17.56 9.80
C VAL A 11 -2.01 17.26 8.29
N LEU A 12 -2.12 18.31 7.47
CA LEU A 12 -2.22 18.18 5.99
C LEU A 12 -1.11 17.27 5.45
N ARG A 13 0.15 17.62 5.71
CA ARG A 13 1.32 16.85 5.23
C ARG A 13 1.17 15.38 5.56
N ASN A 14 1.00 15.06 6.85
CA ASN A 14 0.96 13.66 7.29
C ASN A 14 -0.18 12.89 6.60
N VAL A 15 -1.39 13.45 6.61
CA VAL A 15 -2.55 12.82 5.96
C VAL A 15 -2.31 12.51 4.47
N THR A 16 -1.90 13.50 3.68
CA THR A 16 -1.65 13.29 2.24
C THR A 16 -0.64 12.17 2.01
N VAL A 17 0.52 12.21 2.67
CA VAL A 17 1.53 11.16 2.54
C VAL A 17 0.93 9.76 2.80
N VAL A 18 0.22 9.60 3.92
CA VAL A 18 -0.42 8.31 4.24
C VAL A 18 -1.38 7.86 3.12
N LEU A 19 -2.29 8.71 2.67
CA LEU A 19 -3.21 8.35 1.56
C LEU A 19 -2.48 7.82 0.33
N TRP A 20 -1.43 8.54 -0.11
CA TRP A 20 -0.60 8.11 -1.24
C TRP A 20 -0.01 6.71 -1.05
N SER A 21 0.66 6.46 0.07
CA SER A 21 1.25 5.12 0.32
C SER A 21 0.17 4.03 0.35
N ALA A 22 -0.96 4.34 1.01
CA ALA A 22 -2.11 3.43 1.08
C ALA A 22 -2.75 3.12 -0.27
N TYR A 23 -2.49 3.89 -1.33
CA TYR A 23 -3.15 3.64 -2.63
C TYR A 23 -2.82 2.23 -3.16
N PRO A 24 -1.55 1.87 -3.39
CA PRO A 24 -1.17 0.50 -3.81
C PRO A 24 -1.53 -0.57 -2.77
N VAL A 25 -1.53 -0.23 -1.48
CA VAL A 25 -2.00 -1.17 -0.44
C VAL A 25 -3.45 -1.61 -0.72
N VAL A 26 -4.36 -0.63 -0.82
CA VAL A 26 -5.78 -0.89 -1.13
C VAL A 26 -5.94 -1.64 -2.46
N TRP A 27 -5.19 -1.22 -3.49
CA TRP A 27 -5.16 -1.94 -4.77
C TRP A 27 -4.89 -3.43 -4.56
N LEU A 28 -3.73 -3.74 -3.96
CA LEU A 28 -3.29 -5.13 -3.73
C LEU A 28 -4.41 -5.95 -3.07
N ILE A 29 -4.99 -5.42 -1.98
CA ILE A 29 -6.14 -6.06 -1.32
C ILE A 29 -7.22 -6.41 -2.36
N GLY A 30 -7.76 -5.41 -3.05
CA GLY A 30 -8.80 -5.64 -4.05
C GLY A 30 -8.22 -5.90 -5.45
N SER A 31 -7.27 -6.83 -5.56
CA SER A 31 -6.67 -7.18 -6.87
C SER A 31 -6.02 -8.56 -6.87
N GLU A 32 -5.32 -8.88 -5.79
CA GLU A 32 -4.42 -10.06 -5.74
C GLU A 32 -3.26 -9.85 -6.72
N GLY A 33 -2.31 -9.02 -6.29
CA GLY A 33 -1.08 -8.71 -7.06
C GLY A 33 -0.52 -9.91 -7.83
N ALA A 34 -0.43 -11.08 -7.16
CA ALA A 34 0.12 -12.30 -7.77
C ALA A 34 -0.94 -13.04 -8.61
N GLY A 35 -1.54 -12.29 -9.53
CA GLY A 35 -2.61 -12.78 -10.40
C GLY A 35 -3.04 -11.69 -11.37
N ILE A 36 -3.42 -10.53 -10.83
CA ILE A 36 -3.85 -9.38 -11.66
C ILE A 36 -2.72 -8.92 -12.59
N VAL A 37 -1.49 -8.80 -12.08
CA VAL A 37 -0.37 -8.31 -12.92
C VAL A 37 -0.18 -9.16 -14.19
N PRO A 38 0.10 -10.47 -14.10
CA PRO A 38 0.29 -11.32 -15.28
C PRO A 38 -0.96 -11.34 -16.18
N LEU A 39 -2.15 -11.44 -15.57
CA LEU A 39 -3.41 -11.44 -16.34
C LEU A 39 -3.53 -10.21 -17.24
N ASN A 40 -3.42 -9.00 -16.70
CA ASN A 40 -3.55 -7.77 -17.50
C ASN A 40 -2.58 -7.72 -18.69
N ILE A 41 -1.31 -8.06 -18.50
CA ILE A 41 -0.34 -8.11 -19.61
C ILE A 41 -0.90 -8.95 -20.78
N GLU A 42 -1.34 -10.17 -20.48
CA GLU A 42 -1.98 -11.05 -21.48
C GLU A 42 -3.20 -10.38 -22.14
N THR A 43 -4.11 -9.83 -21.31
CA THR A 43 -5.33 -9.15 -21.76
C THR A 43 -5.03 -8.08 -22.83
N LEU A 44 -4.07 -7.20 -22.59
CA LEU A 44 -3.69 -6.19 -23.60
C LEU A 44 -3.26 -6.82 -24.92
N LEU A 45 -2.35 -7.80 -24.89
CA LEU A 45 -1.92 -8.51 -26.12
C LEU A 45 -3.13 -9.02 -26.92
N PHE A 46 -4.03 -9.73 -26.25
CA PHE A 46 -5.26 -10.25 -26.87
C PHE A 46 -6.08 -9.14 -27.52
N MET A 47 -6.36 -8.09 -26.76
CA MET A 47 -7.13 -6.92 -27.24
C MET A 47 -6.60 -6.37 -28.56
N VAL A 48 -5.28 -6.12 -28.64
CA VAL A 48 -4.65 -5.64 -29.89
C VAL A 48 -5.01 -6.52 -31.08
N LEU A 49 -4.82 -7.84 -30.95
CA LEU A 49 -5.20 -8.80 -32.00
C LEU A 49 -6.67 -8.64 -32.41
N ASP A 50 -7.57 -8.60 -31.42
CA ASP A 50 -9.01 -8.43 -31.66
C ASP A 50 -9.30 -7.19 -32.52
N VAL A 51 -8.82 -6.02 -32.10
CA VAL A 51 -9.03 -4.75 -32.84
C VAL A 51 -8.56 -4.86 -34.30
N SER A 52 -7.31 -5.24 -34.52
CA SER A 52 -6.74 -5.34 -35.88
C SER A 52 -7.57 -6.28 -36.78
N ALA A 53 -7.94 -7.45 -36.27
CA ALA A 53 -8.82 -8.39 -37.00
C ALA A 53 -10.11 -7.72 -37.50
N LYS A 54 -10.80 -7.01 -36.60
CA LYS A 54 -12.04 -6.29 -36.94
C LYS A 54 -11.82 -5.29 -38.09
N VAL A 55 -10.76 -4.49 -38.02
CA VAL A 55 -10.41 -3.58 -39.13
C VAL A 55 -10.31 -4.34 -40.45
N GLY A 56 -9.52 -5.42 -40.48
CA GLY A 56 -9.38 -6.27 -41.68
C GLY A 56 -10.74 -6.69 -42.25
N PHE A 57 -11.62 -7.22 -41.40
CA PHE A 57 -13.00 -7.57 -41.78
C PHE A 57 -13.71 -6.39 -42.45
N GLY A 58 -13.64 -5.20 -41.83
CA GLY A 58 -14.22 -3.98 -42.41
C GLY A 58 -13.80 -3.77 -43.88
N LEU A 59 -12.50 -3.80 -44.15
CA LEU A 59 -11.99 -3.67 -45.53
C LEU A 59 -12.56 -4.76 -46.47
N ILE A 60 -12.47 -6.03 -46.06
CA ILE A 60 -13.02 -7.16 -46.85
C ILE A 60 -14.47 -6.90 -47.27
N LEU A 61 -15.32 -6.49 -46.32
CA LEU A 61 -16.71 -6.10 -46.63
C LEU A 61 -16.75 -4.97 -47.67
N LEU A 62 -16.08 -3.86 -47.37
CA LEU A 62 -15.97 -2.71 -48.30
C LEU A 62 -14.87 -2.97 -49.35
N ARG A 63 -15.04 -4.09 -50.06
CA ARG A 63 -14.17 -4.49 -51.17
C ARG A 63 -14.94 -5.47 -52.07
N SER A 64 -15.45 -6.56 -51.49
CA SER A 64 -16.22 -7.55 -52.29
C SER A 64 -17.33 -8.26 -51.49
N ARG A 65 -18.07 -7.51 -50.68
CA ARG A 65 -19.33 -8.03 -50.08
C ARG A 65 -20.41 -6.96 -50.15
N ALA A 66 -20.07 -5.74 -49.75
CA ALA A 66 -20.91 -4.57 -50.06
C ALA A 66 -20.62 -4.12 -51.50
N ILE A 67 -19.34 -4.01 -51.85
CA ILE A 67 -18.93 -3.51 -53.18
C ILE A 67 -19.11 -4.56 -54.29
N PHE A 68 -18.19 -5.54 -54.44
CA PHE A 68 -18.38 -6.59 -55.47
C PHE A 68 -19.67 -7.39 -55.26
N GLY A 69 -19.89 -7.91 -54.05
CA GLY A 69 -21.11 -8.67 -53.75
C GLY A 69 -20.96 -10.19 -53.99
N MET A 1 -10.29 27.73 7.79
CA MET A 1 -8.82 27.69 7.85
C MET A 1 -8.31 27.58 9.30
N ARG A 2 -8.79 28.50 10.16
CA ARG A 2 -8.32 28.64 11.56
C ARG A 2 -6.84 29.08 11.64
N PRO A 3 -6.40 29.62 12.79
CA PRO A 3 -4.98 29.92 13.06
C PRO A 3 -4.13 28.67 13.32
N GLU A 4 -2.94 28.87 13.89
CA GLU A 4 -1.93 27.79 14.04
C GLU A 4 -1.56 27.19 12.68
N VAL A 5 -1.04 28.04 11.79
CA VAL A 5 -0.63 27.62 10.44
C VAL A 5 0.33 26.42 10.47
N ALA A 6 1.33 26.46 11.36
CA ALA A 6 2.26 25.32 11.51
C ALA A 6 1.53 24.03 11.85
N SER A 7 0.68 24.04 12.87
CA SER A 7 -0.06 22.84 13.31
C SER A 7 -0.93 22.26 12.18
N THR A 8 -1.77 23.12 11.59
CA THR A 8 -2.66 22.69 10.49
C THR A 8 -1.87 22.09 9.31
N PHE A 9 -0.80 22.77 8.88
CA PHE A 9 0.05 22.27 7.78
C PHE A 9 0.62 20.88 8.11
N LYS A 10 1.15 20.69 9.32
CA LYS A 10 1.62 19.36 9.77
C LYS A 10 0.55 18.28 9.58
N VAL A 11 -0.67 18.52 10.07
CA VAL A 11 -1.79 17.57 9.90
C VAL A 11 -2.04 17.25 8.42
N LEU A 12 -2.22 18.28 7.58
CA LEU A 12 -2.46 18.10 6.14
C LEU A 12 -1.37 17.23 5.48
N ARG A 13 -0.11 17.61 5.70
CA ARG A 13 1.06 16.86 5.18
C ARG A 13 0.99 15.38 5.58
N ASN A 14 0.81 15.10 6.86
CA ASN A 14 0.64 13.72 7.35
C ASN A 14 -0.46 12.98 6.57
N VAL A 15 -1.68 13.52 6.57
CA VAL A 15 -2.82 12.87 5.89
C VAL A 15 -2.52 12.56 4.42
N THR A 16 -2.03 13.53 3.65
CA THR A 16 -1.70 13.33 2.23
C THR A 16 -0.66 12.21 2.02
N VAL A 17 0.45 12.24 2.75
CA VAL A 17 1.48 11.18 2.65
C VAL A 17 0.89 9.79 2.94
N VAL A 18 0.18 9.65 4.06
CA VAL A 18 -0.48 8.38 4.41
C VAL A 18 -1.42 7.91 3.29
N LEU A 19 -2.33 8.77 2.83
CA LEU A 19 -3.26 8.45 1.73
C LEU A 19 -2.51 7.90 0.51
N TRP A 20 -1.47 8.61 0.08
CA TRP A 20 -0.63 8.17 -1.04
C TRP A 20 -0.12 6.73 -0.87
N SER A 21 0.58 6.45 0.24
CA SER A 21 1.14 5.10 0.48
C SER A 21 0.04 4.03 0.57
N ALA A 22 -1.09 4.38 1.18
CA ALA A 22 -2.27 3.48 1.25
C ALA A 22 -2.81 3.07 -0.11
N TYR A 23 -2.63 3.88 -1.17
CA TYR A 23 -3.24 3.59 -2.48
C TYR A 23 -2.80 2.20 -3.02
N PRO A 24 -1.50 1.90 -3.17
CA PRO A 24 -1.03 0.57 -3.60
C PRO A 24 -1.47 -0.56 -2.65
N VAL A 25 -1.56 -0.29 -1.34
CA VAL A 25 -2.09 -1.30 -0.39
C VAL A 25 -3.53 -1.69 -0.76
N VAL A 26 -4.41 -0.70 -0.91
CA VAL A 26 -5.81 -0.95 -1.33
C VAL A 26 -5.85 -1.72 -2.65
N TRP A 27 -5.05 -1.30 -3.64
CA TRP A 27 -4.93 -2.02 -4.92
C TRP A 27 -4.61 -3.50 -4.70
N LEU A 28 -3.52 -3.79 -3.98
CA LEU A 28 -3.10 -5.17 -3.65
C LEU A 28 -4.31 -6.01 -3.24
N ILE A 29 -5.05 -5.54 -2.23
CA ILE A 29 -6.27 -6.24 -1.78
C ILE A 29 -7.24 -6.46 -2.95
N GLY A 30 -7.68 -5.37 -3.58
CA GLY A 30 -8.69 -5.46 -4.66
C GLY A 30 -8.12 -5.81 -6.04
N SER A 31 -7.03 -6.58 -6.12
CA SER A 31 -6.58 -7.17 -7.40
C SER A 31 -5.51 -8.24 -7.17
N GLU A 32 -5.51 -8.84 -5.98
CA GLU A 32 -4.49 -9.83 -5.53
C GLU A 32 -3.08 -9.48 -6.05
N GLY A 33 -2.65 -8.26 -5.73
CA GLY A 33 -1.38 -7.71 -6.24
C GLY A 33 -1.43 -7.53 -7.76
N ALA A 34 -0.33 -7.84 -8.45
CA ALA A 34 -0.34 -7.88 -9.92
C ALA A 34 -0.91 -9.22 -10.40
N GLY A 35 -2.09 -9.60 -9.89
CA GLY A 35 -2.79 -10.82 -10.29
C GLY A 35 -3.72 -10.52 -11.48
N ILE A 36 -4.55 -9.48 -11.32
CA ILE A 36 -5.39 -9.00 -12.44
C ILE A 36 -4.54 -8.71 -13.69
N VAL A 37 -3.37 -8.09 -13.52
CA VAL A 37 -2.53 -7.67 -14.67
C VAL A 37 -2.31 -8.80 -15.70
N PRO A 38 -1.77 -9.97 -15.34
CA PRO A 38 -1.64 -11.12 -16.25
C PRO A 38 -3.00 -11.73 -16.62
N LEU A 39 -3.96 -11.75 -15.69
CA LEU A 39 -5.32 -12.24 -16.01
C LEU A 39 -5.88 -11.57 -17.28
N ASN A 40 -5.76 -10.25 -17.40
CA ASN A 40 -6.17 -9.53 -18.63
C ASN A 40 -5.60 -10.21 -19.89
N ILE A 41 -4.27 -10.40 -19.90
CA ILE A 41 -3.56 -11.02 -21.04
C ILE A 41 -4.17 -12.39 -21.39
N GLU A 42 -4.34 -13.24 -20.38
CA GLU A 42 -4.99 -14.55 -20.56
C GLU A 42 -6.36 -14.39 -21.24
N THR A 43 -7.25 -13.59 -20.63
CA THR A 43 -8.63 -13.40 -21.12
C THR A 43 -8.66 -13.00 -22.60
N LEU A 44 -7.92 -11.96 -22.98
CA LEU A 44 -7.92 -11.50 -24.38
C LEU A 44 -7.38 -12.56 -25.35
N LEU A 45 -6.30 -13.26 -24.98
CA LEU A 45 -5.76 -14.37 -25.81
C LEU A 45 -6.85 -15.41 -26.07
N PHE A 46 -7.47 -15.91 -24.98
CA PHE A 46 -8.57 -16.88 -25.08
C PHE A 46 -9.69 -16.37 -26.00
N MET A 47 -10.16 -15.14 -25.80
CA MET A 47 -11.22 -14.53 -26.61
C MET A 47 -10.93 -14.63 -28.12
N VAL A 48 -9.72 -14.23 -28.54
CA VAL A 48 -9.32 -14.35 -29.96
C VAL A 48 -9.52 -15.78 -30.48
N LEU A 49 -8.97 -16.77 -29.76
CA LEU A 49 -9.14 -18.18 -30.14
C LEU A 49 -10.61 -18.58 -30.27
N ASP A 50 -11.40 -18.28 -29.23
CA ASP A 50 -12.84 -18.57 -29.20
C ASP A 50 -13.54 -18.11 -30.49
N VAL A 51 -13.37 -16.83 -30.83
CA VAL A 51 -13.95 -16.25 -32.06
C VAL A 51 -13.48 -16.96 -33.34
N SER A 52 -12.16 -17.13 -33.52
CA SER A 52 -11.62 -17.76 -34.73
C SER A 52 -12.20 -19.17 -34.94
N ALA A 53 -12.35 -19.92 -33.83
CA ALA A 53 -13.01 -21.24 -33.87
C ALA A 53 -14.41 -21.18 -34.49
N LYS A 54 -15.23 -20.20 -34.10
CA LYS A 54 -16.56 -20.01 -34.71
C LYS A 54 -16.48 -19.96 -36.24
N VAL A 55 -15.58 -19.10 -36.74
CA VAL A 55 -15.36 -18.94 -38.20
C VAL A 55 -15.04 -20.29 -38.85
N GLY A 56 -14.04 -20.98 -38.31
CA GLY A 56 -13.62 -22.30 -38.83
C GLY A 56 -14.81 -23.28 -38.92
N PHE A 57 -15.57 -23.42 -37.84
CA PHE A 57 -16.75 -24.30 -37.80
C PHE A 57 -17.73 -23.95 -38.94
N GLY A 58 -18.09 -22.67 -39.07
CA GLY A 58 -18.99 -22.22 -40.16
C GLY A 58 -18.52 -22.70 -41.54
N LEU A 59 -17.24 -22.46 -41.85
CA LEU A 59 -16.64 -22.91 -43.12
C LEU A 59 -16.81 -24.41 -43.34
N ILE A 60 -16.38 -25.23 -42.36
CA ILE A 60 -16.51 -26.69 -42.43
C ILE A 60 -17.95 -27.10 -42.74
N LEU A 61 -18.89 -26.58 -41.94
CA LEU A 61 -20.32 -26.91 -42.07
C LEU A 61 -20.85 -26.65 -43.49
N LEU A 62 -20.68 -25.42 -43.99
CA LEU A 62 -21.14 -25.07 -45.35
C LEU A 62 -20.53 -25.98 -46.41
N ARG A 63 -19.20 -26.11 -46.38
CA ARG A 63 -18.46 -26.99 -47.31
C ARG A 63 -19.04 -28.41 -47.39
N SER A 64 -19.46 -28.97 -46.25
CA SER A 64 -20.20 -30.23 -46.26
C SER A 64 -21.56 -30.08 -46.96
N ARG A 65 -22.43 -29.20 -46.42
CA ARG A 65 -23.83 -29.06 -46.88
C ARG A 65 -23.95 -28.70 -48.36
N ALA A 66 -24.33 -29.71 -49.16
CA ALA A 66 -24.56 -29.56 -50.61
C ALA A 66 -23.34 -29.00 -51.35
N ILE A 67 -22.14 -29.35 -50.90
CA ILE A 67 -20.89 -28.94 -51.55
C ILE A 67 -19.87 -30.11 -51.54
N PHE A 68 -19.78 -30.84 -50.42
CA PHE A 68 -18.85 -31.99 -50.33
C PHE A 68 -19.45 -33.23 -51.03
N GLY A 69 -18.70 -34.33 -51.08
CA GLY A 69 -19.16 -35.56 -51.77
C GLY A 69 -18.88 -35.54 -53.29
N MET A 1 -0.72 20.11 14.70
CA MET A 1 -2.00 19.77 15.32
C MET A 1 -3.10 20.77 14.90
N ARG A 2 -4.30 20.68 15.50
CA ARG A 2 -5.40 21.60 15.18
C ARG A 2 -5.11 23.10 15.40
N PRO A 3 -4.60 23.55 16.57
CA PRO A 3 -4.65 24.96 16.98
C PRO A 3 -3.95 25.96 16.05
N GLU A 4 -2.63 25.86 15.88
CA GLU A 4 -1.90 26.89 15.12
C GLU A 4 -2.07 26.73 13.61
N VAL A 5 -1.77 27.78 12.84
CA VAL A 5 -1.81 27.69 11.38
C VAL A 5 -0.75 26.70 10.87
N ALA A 6 0.50 26.85 11.34
CA ALA A 6 1.57 25.90 11.02
C ALA A 6 1.20 24.49 11.46
N SER A 7 0.71 24.35 12.69
CA SER A 7 0.23 23.06 13.22
C SER A 7 -0.73 22.35 12.25
N THR A 8 -1.78 23.05 11.80
CA THR A 8 -2.75 22.48 10.84
C THR A 8 -2.05 22.03 9.56
N PHE A 9 -1.22 22.90 8.97
CA PHE A 9 -0.50 22.58 7.71
C PHE A 9 0.29 21.27 7.83
N LYS A 10 1.06 21.13 8.91
CA LYS A 10 1.82 19.88 9.18
C LYS A 10 0.90 18.66 9.20
N VAL A 11 -0.20 18.72 9.95
CA VAL A 11 -1.19 17.61 9.97
C VAL A 11 -1.66 17.24 8.55
N LEU A 12 -2.06 18.24 7.76
CA LEU A 12 -2.51 18.02 6.36
C LEU A 12 -1.46 17.23 5.58
N ARG A 13 -0.21 17.72 5.57
CA ARG A 13 0.91 17.03 4.89
C ARG A 13 1.05 15.57 5.33
N ASN A 14 1.08 15.33 6.65
CA ASN A 14 1.13 13.96 7.19
C ASN A 14 0.01 13.07 6.62
N VAL A 15 -1.25 13.50 6.79
CA VAL A 15 -2.42 12.73 6.33
C VAL A 15 -2.31 12.38 4.84
N THR A 16 -2.03 13.36 3.98
CA THR A 16 -1.89 13.10 2.53
C THR A 16 -0.85 12.03 2.21
N VAL A 17 0.34 12.10 2.83
CA VAL A 17 1.35 11.04 2.68
C VAL A 17 0.81 9.65 3.07
N VAL A 18 0.16 9.56 4.23
CA VAL A 18 -0.47 8.30 4.68
C VAL A 18 -1.44 7.73 3.63
N LEU A 19 -2.33 8.58 3.11
CA LEU A 19 -3.25 8.17 2.03
C LEU A 19 -2.49 7.60 0.81
N TRP A 20 -1.49 8.33 0.33
CA TRP A 20 -0.66 7.89 -0.82
C TRP A 20 -0.08 6.48 -0.60
N SER A 21 0.60 6.26 0.52
CA SER A 21 1.20 4.96 0.85
C SER A 21 0.17 3.83 0.99
N ALA A 22 -1.00 4.13 1.56
CA ALA A 22 -2.11 3.15 1.63
C ALA A 22 -2.59 2.72 0.23
N TYR A 23 -2.76 3.68 -0.67
CA TYR A 23 -3.28 3.45 -2.03
C TYR A 23 -2.77 2.17 -2.74
N PRO A 24 -1.46 1.90 -2.85
CA PRO A 24 -0.94 0.66 -3.46
C PRO A 24 -1.46 -0.60 -2.76
N VAL A 25 -1.53 -0.58 -1.43
CA VAL A 25 -2.12 -1.71 -0.68
C VAL A 25 -3.59 -1.92 -1.07
N VAL A 26 -4.35 -0.82 -1.16
CA VAL A 26 -5.76 -0.87 -1.62
C VAL A 26 -5.85 -1.59 -2.98
N TRP A 27 -5.02 -1.17 -3.95
CA TRP A 27 -4.93 -1.87 -5.24
C TRP A 27 -4.67 -3.37 -5.09
N LEU A 28 -3.65 -3.75 -4.31
CA LEU A 28 -3.35 -5.18 -4.05
C LEU A 28 -4.61 -5.96 -3.69
N ILE A 29 -5.35 -5.48 -2.69
CA ILE A 29 -6.62 -6.13 -2.29
C ILE A 29 -7.53 -6.29 -3.52
N GLY A 30 -7.81 -5.19 -4.22
CA GLY A 30 -8.63 -5.26 -5.44
C GLY A 30 -7.78 -5.56 -6.68
N SER A 31 -6.97 -6.62 -6.66
CA SER A 31 -6.17 -6.98 -7.84
C SER A 31 -5.63 -8.42 -7.77
N GLU A 32 -5.14 -8.79 -6.57
CA GLU A 32 -4.43 -10.06 -6.36
C GLU A 32 -3.26 -10.21 -7.34
N GLY A 33 -2.67 -9.08 -7.75
CA GLY A 33 -1.55 -9.09 -8.69
C GLY A 33 -1.63 -7.91 -9.65
N ALA A 34 -2.83 -7.69 -10.22
CA ALA A 34 -3.03 -6.68 -11.30
C ALA A 34 -3.15 -5.25 -10.76
N GLY A 35 -2.12 -4.79 -10.07
CA GLY A 35 -2.05 -3.44 -9.50
C GLY A 35 -0.65 -3.18 -8.93
N ILE A 36 -0.26 -3.98 -7.92
CA ILE A 36 1.10 -3.85 -7.37
C ILE A 36 2.19 -4.16 -8.42
N VAL A 37 2.07 -5.27 -9.17
CA VAL A 37 3.13 -5.70 -10.10
C VAL A 37 3.68 -4.55 -10.98
N PRO A 38 2.85 -3.81 -11.73
CA PRO A 38 3.30 -2.64 -12.51
C PRO A 38 3.78 -1.48 -11.62
N LEU A 39 3.03 -1.18 -10.54
CA LEU A 39 3.38 -0.08 -9.62
C LEU A 39 4.84 -0.16 -9.13
N ASN A 40 5.30 -1.36 -8.77
CA ASN A 40 6.71 -1.59 -8.36
C ASN A 40 7.71 -0.92 -9.30
N ILE A 41 7.50 -1.07 -10.61
CA ILE A 41 8.43 -0.55 -11.63
C ILE A 41 8.55 0.97 -11.51
N GLU A 42 7.41 1.66 -11.43
CA GLU A 42 7.40 3.12 -11.25
C GLU A 42 8.08 3.52 -9.94
N THR A 43 7.75 2.86 -8.83
CA THR A 43 8.37 3.15 -7.52
C THR A 43 9.90 3.11 -7.59
N LEU A 44 10.47 1.99 -8.05
CA LEU A 44 11.94 1.86 -8.13
C LEU A 44 12.56 2.90 -9.07
N LEU A 45 11.92 3.19 -10.21
CA LEU A 45 12.38 4.28 -11.10
C LEU A 45 12.52 5.60 -10.33
N PHE A 46 11.43 6.03 -9.68
CA PHE A 46 11.43 7.25 -8.86
C PHE A 46 12.60 7.25 -7.86
N MET A 47 12.71 6.19 -7.07
CA MET A 47 13.81 6.04 -6.08
C MET A 47 15.19 6.31 -6.68
N VAL A 48 15.51 5.69 -7.82
CA VAL A 48 16.79 5.96 -8.51
C VAL A 48 16.99 7.47 -8.75
N LEU A 49 15.99 8.13 -9.34
CA LEU A 49 16.06 9.59 -9.55
C LEU A 49 16.33 10.36 -8.26
N ASP A 50 15.61 10.06 -7.18
CA ASP A 50 15.83 10.70 -5.87
C ASP A 50 17.28 10.60 -5.41
N VAL A 51 17.83 9.38 -5.40
CA VAL A 51 19.22 9.14 -4.99
C VAL A 51 20.21 9.96 -5.83
N SER A 52 20.16 9.82 -7.15
CA SER A 52 21.08 10.56 -8.05
C SER A 52 21.01 12.08 -7.83
N ALA A 53 19.80 12.64 -7.77
CA ALA A 53 19.60 14.08 -7.50
C ALA A 53 20.26 14.52 -6.20
N LYS A 54 20.01 13.77 -5.11
CA LYS A 54 20.63 14.04 -3.79
C LYS A 54 22.15 14.14 -3.90
N VAL A 55 22.80 13.13 -4.48
CA VAL A 55 24.27 13.15 -4.67
C VAL A 55 24.72 14.41 -5.41
N GLY A 56 24.11 14.70 -6.56
CA GLY A 56 24.44 15.89 -7.36
C GLY A 56 24.41 17.17 -6.51
N PHE A 57 23.30 17.40 -5.80
CA PHE A 57 23.17 18.55 -4.90
C PHE A 57 24.33 18.62 -3.88
N GLY A 58 24.63 17.49 -3.24
CA GLY A 58 25.77 17.40 -2.29
C GLY A 58 27.06 18.00 -2.87
N LEU A 59 27.47 17.53 -4.05
CA LEU A 59 28.66 18.09 -4.73
C LEU A 59 28.55 19.59 -4.96
N ILE A 60 27.46 20.04 -5.59
CA ILE A 60 27.25 21.47 -5.90
C ILE A 60 27.42 22.34 -4.63
N LEU A 61 26.68 22.00 -3.57
CA LEU A 61 26.72 22.73 -2.30
C LEU A 61 28.13 22.79 -1.72
N LEU A 62 28.80 21.64 -1.61
CA LEU A 62 30.18 21.57 -1.09
C LEU A 62 31.10 22.56 -1.82
N ARG A 63 31.12 22.48 -3.15
CA ARG A 63 31.98 23.33 -3.99
C ARG A 63 31.69 24.83 -3.80
N SER A 64 30.45 25.25 -4.01
CA SER A 64 30.07 26.68 -3.88
C SER A 64 30.42 27.24 -2.49
N ARG A 65 30.07 26.49 -1.44
CA ARG A 65 30.42 26.85 -0.05
C ARG A 65 31.93 27.08 0.11
N ALA A 66 32.75 26.13 -0.34
CA ALA A 66 34.22 26.24 -0.25
C ALA A 66 34.75 27.50 -0.94
N ILE A 67 34.31 27.75 -2.18
CA ILE A 67 34.70 28.95 -2.94
C ILE A 67 34.34 30.24 -2.19
N PHE A 68 33.10 30.33 -1.70
CA PHE A 68 32.63 31.50 -0.95
C PHE A 68 33.43 31.72 0.35
N GLY A 69 33.46 32.97 0.82
CA GLY A 69 34.21 33.35 2.03
C GLY A 69 35.71 33.60 1.76
N MET A 1 -9.78 26.85 17.86
CA MET A 1 -10.01 27.53 16.58
C MET A 1 -8.67 27.72 15.84
N ARG A 2 -8.59 28.66 14.89
CA ARG A 2 -7.37 28.86 14.07
C ARG A 2 -7.03 27.63 13.23
N PRO A 3 -7.86 27.32 12.22
CA PRO A 3 -7.62 26.22 11.25
C PRO A 3 -6.58 26.64 10.19
N GLU A 4 -5.38 26.94 10.67
CA GLU A 4 -4.32 27.52 9.83
C GLU A 4 -2.92 27.28 10.43
N VAL A 5 -1.93 28.07 9.98
CA VAL A 5 -0.54 28.02 10.46
C VAL A 5 0.10 26.61 10.42
N ALA A 6 1.28 26.49 11.01
CA ALA A 6 2.02 25.21 11.07
C ALA A 6 1.13 24.05 11.55
N SER A 7 0.24 24.32 12.50
CA SER A 7 -0.65 23.29 13.07
C SER A 7 -1.39 22.52 11.96
N THR A 8 -2.26 23.18 11.21
CA THR A 8 -3.04 22.48 10.17
C THR A 8 -2.14 22.00 9.01
N PHE A 9 -1.16 22.82 8.62
CA PHE A 9 -0.27 22.45 7.50
C PHE A 9 0.39 21.07 7.73
N LYS A 10 1.05 20.90 8.87
CA LYS A 10 1.75 19.64 9.18
C LYS A 10 0.78 18.46 9.27
N VAL A 11 -0.34 18.61 9.98
CA VAL A 11 -1.35 17.53 10.09
C VAL A 11 -1.83 17.08 8.70
N LEU A 12 -2.23 18.02 7.85
CA LEU A 12 -2.68 17.73 6.48
C LEU A 12 -1.62 16.97 5.69
N ARG A 13 -0.37 17.46 5.70
CA ARG A 13 0.71 16.74 4.98
C ARG A 13 0.89 15.30 5.47
N ASN A 14 0.88 15.07 6.78
CA ASN A 14 0.89 13.71 7.33
C ASN A 14 -0.20 12.84 6.69
N VAL A 15 -1.46 13.28 6.78
CA VAL A 15 -2.60 12.53 6.22
C VAL A 15 -2.40 12.20 4.73
N THR A 16 -2.07 13.20 3.91
CA THR A 16 -1.85 12.99 2.47
C THR A 16 -0.77 11.93 2.18
N VAL A 17 0.39 12.02 2.83
CA VAL A 17 1.46 11.02 2.66
C VAL A 17 1.00 9.60 3.05
N VAL A 18 0.34 9.47 4.20
CA VAL A 18 -0.21 8.16 4.63
C VAL A 18 -1.15 7.58 3.56
N LEU A 19 -2.09 8.37 3.06
CA LEU A 19 -2.99 7.93 1.97
C LEU A 19 -2.19 7.47 0.73
N TRP A 20 -1.22 8.26 0.29
CA TRP A 20 -0.34 7.89 -0.84
C TRP A 20 0.30 6.50 -0.66
N SER A 21 0.99 6.26 0.44
CA SER A 21 1.63 4.95 0.69
C SER A 21 0.59 3.83 0.71
N ALA A 22 -0.51 4.03 1.45
CA ALA A 22 -1.61 3.05 1.50
C ALA A 22 -2.36 2.90 0.17
N TYR A 23 -2.16 3.80 -0.80
CA TYR A 23 -2.97 3.78 -2.04
C TYR A 23 -2.73 2.49 -2.83
N PRO A 24 -1.48 2.13 -3.22
CA PRO A 24 -1.18 0.86 -3.89
C PRO A 24 -1.52 -0.36 -3.02
N VAL A 25 -1.32 -0.26 -1.71
CA VAL A 25 -1.69 -1.36 -0.79
C VAL A 25 -3.18 -1.73 -0.94
N VAL A 26 -4.06 -0.74 -0.74
CA VAL A 26 -5.52 -0.96 -0.85
C VAL A 26 -5.91 -1.41 -2.27
N TRP A 27 -5.31 -0.84 -3.31
CA TRP A 27 -5.54 -1.32 -4.68
C TRP A 27 -5.26 -2.83 -4.81
N LEU A 28 -4.08 -3.27 -4.34
CA LEU A 28 -3.73 -4.70 -4.34
C LEU A 28 -4.81 -5.54 -3.64
N ILE A 29 -5.34 -5.07 -2.51
CA ILE A 29 -6.51 -5.75 -1.92
C ILE A 29 -7.64 -5.84 -2.95
N GLY A 30 -8.03 -4.71 -3.55
CA GLY A 30 -9.07 -4.69 -4.60
C GLY A 30 -8.61 -5.28 -5.94
N SER A 31 -7.68 -6.25 -5.89
CA SER A 31 -7.32 -7.08 -7.05
C SER A 31 -6.83 -8.47 -6.60
N GLU A 32 -6.60 -8.62 -5.30
CA GLU A 32 -6.00 -9.83 -4.70
C GLU A 32 -6.38 -9.88 -3.21
N GLY A 33 -7.68 -9.83 -2.90
CA GLY A 33 -8.15 -9.82 -1.51
C GLY A 33 -9.67 -9.69 -1.42
N ALA A 34 -10.21 -8.62 -2.01
CA ALA A 34 -11.67 -8.35 -2.06
C ALA A 34 -12.34 -8.52 -0.69
N GLY A 35 -11.77 -7.88 0.33
CA GLY A 35 -12.25 -8.06 1.72
C GLY A 35 -11.14 -7.70 2.72
N ILE A 36 -9.89 -7.97 2.34
CA ILE A 36 -8.73 -7.70 3.20
C ILE A 36 -8.40 -6.19 3.29
N VAL A 37 -9.38 -5.30 3.09
CA VAL A 37 -9.17 -3.85 3.25
C VAL A 37 -9.20 -3.50 4.75
N PRO A 38 -10.31 -3.78 5.45
CA PRO A 38 -10.36 -3.68 6.92
C PRO A 38 -9.32 -4.60 7.57
N LEU A 39 -9.16 -5.82 7.05
CA LEU A 39 -8.16 -6.75 7.61
C LEU A 39 -6.75 -6.15 7.60
N ASN A 40 -6.29 -5.62 6.46
CA ASN A 40 -4.96 -4.98 6.38
C ASN A 40 -4.79 -3.90 7.46
N ILE A 41 -5.68 -2.92 7.49
CA ILE A 41 -5.59 -1.80 8.47
C ILE A 41 -5.55 -2.32 9.91
N GLU A 42 -6.52 -3.19 10.26
CA GLU A 42 -6.61 -3.80 11.58
C GLU A 42 -5.29 -4.46 11.99
N THR A 43 -4.80 -5.39 11.17
CA THR A 43 -3.56 -6.13 11.48
C THR A 43 -2.39 -5.19 11.77
N LEU A 44 -2.17 -4.18 10.92
CA LEU A 44 -1.09 -3.19 11.16
C LEU A 44 -1.22 -2.53 12.54
N LEU A 45 -2.36 -1.90 12.81
CA LEU A 45 -2.58 -1.21 14.09
C LEU A 45 -2.39 -2.15 15.30
N PHE A 46 -3.07 -3.29 15.27
CA PHE A 46 -2.99 -4.30 16.34
C PHE A 46 -1.54 -4.67 16.63
N MET A 47 -0.80 -5.07 15.58
CA MET A 47 0.61 -5.46 15.72
C MET A 47 1.44 -4.40 16.45
N VAL A 48 1.29 -3.11 16.10
CA VAL A 48 1.97 -2.03 16.84
C VAL A 48 1.71 -2.15 18.35
N LEU A 49 0.43 -2.23 18.76
CA LEU A 49 0.08 -2.42 20.18
C LEU A 49 0.75 -3.65 20.79
N ASP A 50 0.63 -4.80 20.13
CA ASP A 50 1.25 -6.06 20.61
C ASP A 50 2.75 -5.89 20.89
N VAL A 51 3.50 -5.41 19.90
CA VAL A 51 4.95 -5.22 20.03
C VAL A 51 5.30 -4.29 21.19
N SER A 52 4.73 -3.07 21.24
CA SER A 52 5.03 -2.12 22.32
C SER A 52 4.78 -2.71 23.71
N ALA A 53 3.61 -3.30 23.92
CA ALA A 53 3.26 -3.93 25.21
C ALA A 53 4.24 -5.05 25.58
N LYS A 54 4.51 -5.96 24.64
CA LYS A 54 5.43 -7.09 24.86
C LYS A 54 6.82 -6.59 25.28
N VAL A 55 7.38 -5.62 24.54
CA VAL A 55 8.67 -5.01 24.91
C VAL A 55 8.66 -4.49 26.35
N GLY A 56 7.68 -3.65 26.71
CA GLY A 56 7.56 -3.15 28.08
C GLY A 56 7.61 -4.27 29.13
N PHE A 57 6.78 -5.30 28.92
CA PHE A 57 6.77 -6.49 29.79
C PHE A 57 8.17 -7.10 29.90
N GLY A 58 8.84 -7.32 28.77
CA GLY A 58 10.21 -7.87 28.74
C GLY A 58 11.19 -7.08 29.63
N LEU A 59 11.21 -5.76 29.49
CA LEU A 59 12.05 -4.91 30.36
C LEU A 59 11.76 -5.14 31.85
N ILE A 60 10.48 -5.11 32.25
CA ILE A 60 10.10 -5.38 33.65
C ILE A 60 10.62 -6.75 34.12
N LEU A 61 10.35 -7.79 33.32
CA LEU A 61 10.81 -9.16 33.61
C LEU A 61 12.32 -9.23 33.86
N LEU A 62 13.12 -8.61 32.98
CA LEU A 62 14.58 -8.51 33.17
C LEU A 62 14.89 -7.88 34.54
N ARG A 63 14.35 -6.68 34.77
CA ARG A 63 14.54 -5.94 36.05
C ARG A 63 14.03 -6.70 37.28
N SER A 64 13.23 -7.77 37.08
CA SER A 64 12.77 -8.59 38.21
C SER A 64 13.79 -9.73 38.45
N ARG A 65 13.98 -10.57 37.44
CA ARG A 65 14.83 -11.76 37.51
C ARG A 65 16.29 -11.44 37.86
N ALA A 66 16.66 -11.69 39.12
CA ALA A 66 18.03 -11.48 39.63
C ALA A 66 18.43 -9.99 39.61
N ILE A 67 17.45 -9.13 39.84
CA ILE A 67 17.68 -7.68 40.00
C ILE A 67 16.75 -7.16 41.10
N PHE A 68 15.47 -7.51 41.02
CA PHE A 68 14.51 -7.29 42.11
C PHE A 68 14.63 -8.46 43.10
N GLY A 69 14.62 -9.68 42.54
CA GLY A 69 14.80 -10.91 43.32
C GLY A 69 14.89 -12.17 42.43
N MET A 1 -10.79 31.00 11.95
CA MET A 1 -9.87 32.08 11.55
C MET A 1 -8.42 31.58 11.44
N ARG A 2 -7.94 30.91 12.49
CA ARG A 2 -6.55 30.42 12.52
C ARG A 2 -6.39 29.33 13.58
N PRO A 3 -6.75 28.08 13.26
CA PRO A 3 -6.50 26.90 14.12
C PRO A 3 -5.03 26.43 14.05
N GLU A 4 -4.15 27.33 14.46
CA GLU A 4 -2.69 27.06 14.56
C GLU A 4 -2.09 26.70 13.20
N VAL A 5 -1.70 27.73 12.43
CA VAL A 5 -1.19 27.54 11.05
C VAL A 5 -0.16 26.39 10.95
N ALA A 6 0.85 26.39 11.82
CA ALA A 6 1.86 25.32 11.85
C ALA A 6 1.22 23.93 12.04
N SER A 7 0.35 23.81 13.04
CA SER A 7 -0.31 22.53 13.36
C SER A 7 -1.12 21.99 12.17
N THR A 8 -2.04 22.80 11.64
CA THR A 8 -2.90 22.38 10.52
C THR A 8 -2.06 22.00 9.28
N PHE A 9 -1.00 22.77 8.99
CA PHE A 9 -0.08 22.42 7.89
C PHE A 9 0.51 21.02 8.08
N LYS A 10 1.09 20.75 9.26
CA LYS A 10 1.63 19.41 9.58
C LYS A 10 0.59 18.31 9.39
N VAL A 11 -0.63 18.50 9.90
CA VAL A 11 -1.72 17.53 9.70
C VAL A 11 -1.97 17.26 8.22
N LEU A 12 -2.15 18.31 7.40
CA LEU A 12 -2.35 18.15 5.95
C LEU A 12 -1.24 17.30 5.31
N ARG A 13 0.02 17.64 5.60
CA ARG A 13 1.16 16.86 5.10
C ARG A 13 1.05 15.37 5.47
N ASN A 14 0.81 15.09 6.75
CA ASN A 14 0.63 13.69 7.22
C ASN A 14 -0.46 12.98 6.39
N VAL A 15 -1.67 13.56 6.35
CA VAL A 15 -2.80 12.96 5.62
C VAL A 15 -2.42 12.61 4.18
N THR A 16 -1.89 13.57 3.42
CA THR A 16 -1.49 13.32 2.02
C THR A 16 -0.50 12.17 1.88
N VAL A 17 0.61 12.19 2.62
CA VAL A 17 1.62 11.13 2.57
C VAL A 17 1.03 9.75 2.90
N VAL A 18 0.28 9.65 4.01
CA VAL A 18 -0.37 8.40 4.41
C VAL A 18 -1.29 7.87 3.30
N LEU A 19 -2.23 8.68 2.82
CA LEU A 19 -3.14 8.26 1.74
C LEU A 19 -2.38 7.73 0.53
N TRP A 20 -1.34 8.46 0.10
CA TRP A 20 -0.47 8.02 -1.02
C TRP A 20 0.08 6.61 -0.79
N SER A 21 0.80 6.39 0.33
CA SER A 21 1.40 5.07 0.60
C SER A 21 0.35 3.95 0.70
N ALA A 22 -0.76 4.23 1.38
CA ALA A 22 -1.88 3.30 1.52
C ALA A 22 -2.54 2.96 0.19
N TYR A 23 -2.45 3.83 -0.82
CA TYR A 23 -3.17 3.62 -2.10
C TYR A 23 -2.83 2.28 -2.76
N PRO A 24 -1.55 1.97 -3.05
CA PRO A 24 -1.16 0.66 -3.62
C PRO A 24 -1.53 -0.51 -2.72
N VAL A 25 -1.44 -0.35 -1.40
CA VAL A 25 -1.86 -1.41 -0.46
C VAL A 25 -3.34 -1.80 -0.68
N VAL A 26 -4.22 -0.80 -0.60
CA VAL A 26 -5.67 -1.01 -0.82
C VAL A 26 -5.94 -1.60 -2.22
N TRP A 27 -5.30 -1.05 -3.25
CA TRP A 27 -5.40 -1.59 -4.61
C TRP A 27 -5.13 -3.10 -4.62
N LEU A 28 -3.93 -3.50 -4.15
CA LEU A 28 -3.49 -4.90 -4.13
C LEU A 28 -4.57 -5.80 -3.56
N ILE A 29 -5.13 -5.44 -2.39
CA ILE A 29 -6.27 -6.18 -1.83
C ILE A 29 -7.39 -6.32 -2.88
N GLY A 30 -7.91 -5.19 -3.36
CA GLY A 30 -8.97 -5.18 -4.38
C GLY A 30 -8.45 -5.38 -5.82
N SER A 31 -7.66 -6.43 -6.02
CA SER A 31 -7.15 -6.82 -7.34
C SER A 31 -6.64 -8.26 -7.32
N GLU A 32 -5.80 -8.59 -6.34
CA GLU A 32 -5.29 -9.96 -6.16
C GLU A 32 -4.70 -10.16 -4.76
N GLY A 33 -5.38 -9.66 -3.72
CA GLY A 33 -4.96 -9.92 -2.33
C GLY A 33 -6.11 -9.69 -1.35
N ALA A 34 -7.34 -10.07 -1.74
CA ALA A 34 -8.49 -10.04 -0.81
C ALA A 34 -8.50 -11.28 0.09
N GLY A 35 -8.20 -12.44 -0.50
CA GLY A 35 -8.19 -13.73 0.22
C GLY A 35 -7.22 -13.74 1.41
N ILE A 36 -6.00 -13.23 1.20
CA ILE A 36 -4.94 -13.08 2.22
C ILE A 36 -5.21 -13.75 3.58
N VAL A 37 -5.11 -15.08 3.58
CA VAL A 37 -5.49 -15.93 4.74
C VAL A 37 -5.06 -15.36 6.10
N PRO A 38 -3.77 -15.10 6.37
CA PRO A 38 -3.30 -14.66 7.70
C PRO A 38 -3.99 -13.38 8.20
N LEU A 39 -4.25 -12.42 7.31
CA LEU A 39 -4.85 -11.14 7.74
C LEU A 39 -6.31 -11.40 8.14
N ASN A 40 -7.07 -12.05 7.26
CA ASN A 40 -8.47 -12.42 7.54
C ASN A 40 -8.62 -13.16 8.87
N ILE A 41 -7.77 -14.18 9.10
CA ILE A 41 -7.75 -14.92 10.37
C ILE A 41 -7.56 -13.99 11.56
N GLU A 42 -6.52 -13.14 11.55
CA GLU A 42 -6.28 -12.21 12.66
C GLU A 42 -7.49 -11.30 12.91
N THR A 43 -8.09 -10.75 11.85
CA THR A 43 -9.30 -9.91 11.99
C THR A 43 -10.38 -10.64 12.80
N LEU A 44 -10.71 -11.87 12.40
CA LEU A 44 -11.68 -12.71 13.14
C LEU A 44 -11.26 -12.88 14.61
N LEU A 45 -10.03 -13.31 14.84
CA LEU A 45 -9.47 -13.55 16.19
C LEU A 45 -9.71 -12.32 17.09
N PHE A 46 -9.22 -11.15 16.65
CA PHE A 46 -9.36 -9.89 17.39
C PHE A 46 -10.83 -9.59 17.71
N MET A 47 -11.73 -9.70 16.71
CA MET A 47 -13.16 -9.47 16.94
C MET A 47 -13.71 -10.35 18.08
N VAL A 48 -13.44 -11.65 18.03
CA VAL A 48 -13.86 -12.58 19.10
C VAL A 48 -13.35 -12.10 20.48
N LEU A 49 -12.06 -11.76 20.59
CA LEU A 49 -11.50 -11.22 21.84
C LEU A 49 -12.30 -10.01 22.34
N ASP A 50 -12.49 -9.00 21.49
CA ASP A 50 -13.28 -7.81 21.84
C ASP A 50 -14.62 -8.17 22.49
N VAL A 51 -15.40 -9.01 21.82
CA VAL A 51 -16.70 -9.47 22.36
C VAL A 51 -16.53 -10.12 23.75
N SER A 52 -15.70 -11.16 23.84
CA SER A 52 -15.58 -11.94 25.10
C SER A 52 -15.14 -11.06 26.28
N ALA A 53 -14.08 -10.26 26.09
CA ALA A 53 -13.57 -9.36 27.13
C ALA A 53 -14.62 -8.34 27.57
N LYS A 54 -15.32 -7.75 26.60
CA LYS A 54 -16.41 -6.79 26.88
C LYS A 54 -17.48 -7.41 27.80
N VAL A 55 -17.95 -8.61 27.45
CA VAL A 55 -18.91 -9.34 28.30
C VAL A 55 -18.34 -9.52 29.73
N GLY A 56 -17.12 -10.05 29.85
CA GLY A 56 -16.47 -10.23 31.16
C GLY A 56 -16.49 -8.95 32.01
N PHE A 57 -16.06 -7.84 31.42
CA PHE A 57 -16.08 -6.52 32.09
C PHE A 57 -17.49 -6.20 32.63
N GLY A 58 -18.52 -6.35 31.80
CA GLY A 58 -19.91 -6.14 32.24
C GLY A 58 -20.29 -7.00 33.46
N LEU A 59 -19.97 -8.29 33.42
CA LEU A 59 -20.23 -9.22 34.53
C LEU A 59 -19.56 -8.76 35.83
N ILE A 60 -18.30 -8.35 35.77
CA ILE A 60 -17.58 -7.79 36.93
C ILE A 60 -18.26 -6.52 37.48
N LEU A 61 -18.59 -5.58 36.58
CA LEU A 61 -19.33 -4.36 36.95
C LEU A 61 -20.57 -4.71 37.78
N LEU A 62 -21.43 -5.56 37.23
CA LEU A 62 -22.60 -6.09 37.97
C LEU A 62 -22.18 -7.24 38.89
N ARG A 63 -21.30 -6.93 39.85
CA ARG A 63 -20.81 -7.90 40.84
C ARG A 63 -20.16 -7.15 42.00
N SER A 64 -19.19 -6.29 41.70
CA SER A 64 -18.45 -5.55 42.72
C SER A 64 -18.03 -4.16 42.24
N ARG A 65 -19.01 -3.38 41.77
CA ARG A 65 -18.76 -1.99 41.33
C ARG A 65 -20.09 -1.24 41.23
N ALA A 66 -20.96 -1.64 40.30
CA ALA A 66 -22.28 -1.02 40.13
C ALA A 66 -23.19 -1.40 41.31
N ILE A 67 -23.17 -2.70 41.65
CA ILE A 67 -23.88 -3.20 42.84
C ILE A 67 -23.39 -2.49 44.12
N PHE A 68 -22.12 -2.05 44.13
CA PHE A 68 -21.53 -1.36 45.29
C PHE A 68 -21.90 0.13 45.28
N GLY A 69 -23.19 0.42 45.41
CA GLY A 69 -23.69 1.81 45.46
C GLY A 69 -25.23 1.89 45.55
N MET A 1 -4.48 30.43 19.64
CA MET A 1 -3.05 30.70 19.40
C MET A 1 -2.61 30.26 18.00
N ARG A 2 -2.88 29.02 17.60
CA ARG A 2 -2.45 28.51 16.30
C ARG A 2 -3.39 27.39 15.80
N PRO A 3 -4.67 27.68 15.57
CA PRO A 3 -5.66 26.69 15.15
C PRO A 3 -5.31 26.06 13.79
N GLU A 4 -5.28 26.86 12.73
CA GLU A 4 -4.76 26.41 11.42
C GLU A 4 -3.23 26.54 11.48
N VAL A 5 -2.62 27.41 10.67
CA VAL A 5 -1.18 27.77 10.82
C VAL A 5 -0.30 26.52 10.59
N ALA A 6 0.99 26.59 10.90
CA ALA A 6 1.90 25.43 10.84
C ALA A 6 1.31 24.17 11.47
N SER A 7 0.46 24.31 12.51
CA SER A 7 -0.14 23.14 13.17
C SER A 7 -0.99 22.31 12.19
N THR A 8 -2.08 22.89 11.67
CA THR A 8 -2.93 22.19 10.70
C THR A 8 -2.18 21.89 9.40
N PHE A 9 -1.30 22.77 8.94
CA PHE A 9 -0.46 22.52 7.77
C PHE A 9 0.29 21.17 7.88
N LYS A 10 0.99 20.98 9.00
CA LYS A 10 1.72 19.73 9.27
C LYS A 10 0.78 18.53 9.29
N VAL A 11 -0.36 18.63 9.99
CA VAL A 11 -1.39 17.57 10.00
C VAL A 11 -1.77 17.16 8.57
N LEU A 12 -2.15 18.14 7.74
CA LEU A 12 -2.55 17.89 6.34
C LEU A 12 -1.44 17.13 5.59
N ARG A 13 -0.20 17.64 5.64
CA ARG A 13 0.94 16.97 5.00
C ARG A 13 1.02 15.50 5.40
N ASN A 14 1.01 15.21 6.70
CA ASN A 14 1.02 13.83 7.20
C ASN A 14 -0.11 12.99 6.59
N VAL A 15 -1.35 13.44 6.70
CA VAL A 15 -2.52 12.72 6.17
C VAL A 15 -2.37 12.37 4.69
N THR A 16 -1.98 13.34 3.85
CA THR A 16 -1.79 13.09 2.41
C THR A 16 -0.70 12.02 2.14
N VAL A 17 0.46 12.13 2.81
CA VAL A 17 1.51 11.09 2.69
C VAL A 17 0.97 9.70 3.05
N VAL A 18 0.28 9.57 4.19
CA VAL A 18 -0.37 8.31 4.58
C VAL A 18 -1.29 7.80 3.46
N LEU A 19 -2.17 8.66 2.94
CA LEU A 19 -3.08 8.30 1.82
C LEU A 19 -2.29 7.69 0.65
N TRP A 20 -1.27 8.38 0.16
CA TRP A 20 -0.47 7.89 -0.98
C TRP A 20 0.17 6.53 -0.71
N SER A 21 0.81 6.32 0.44
CA SER A 21 1.39 4.99 0.75
C SER A 21 0.30 3.91 0.80
N ALA A 22 -0.83 4.23 1.43
CA ALA A 22 -2.00 3.35 1.50
C ALA A 22 -2.67 3.13 0.13
N TYR A 23 -2.35 3.89 -0.91
CA TYR A 23 -3.03 3.74 -2.21
C TYR A 23 -2.76 2.34 -2.81
N PRO A 24 -1.51 1.92 -3.01
CA PRO A 24 -1.19 0.56 -3.46
C PRO A 24 -1.67 -0.50 -2.47
N VAL A 25 -1.54 -0.24 -1.17
CA VAL A 25 -2.09 -1.14 -0.12
C VAL A 25 -3.54 -1.55 -0.44
N VAL A 26 -4.40 -0.57 -0.68
CA VAL A 26 -5.81 -0.85 -1.07
C VAL A 26 -5.87 -1.61 -2.39
N TRP A 27 -5.30 -1.05 -3.46
CA TRP A 27 -5.38 -1.64 -4.82
C TRP A 27 -5.05 -3.14 -4.84
N LEU A 28 -3.98 -3.52 -4.16
CA LEU A 28 -3.45 -4.89 -4.15
C LEU A 28 -4.52 -5.95 -3.86
N ILE A 29 -5.51 -5.67 -3.00
CA ILE A 29 -6.57 -6.67 -2.74
C ILE A 29 -7.44 -6.82 -3.99
N GLY A 30 -7.80 -5.68 -4.60
CA GLY A 30 -8.58 -5.65 -5.85
C GLY A 30 -7.69 -5.91 -7.07
N SER A 31 -6.93 -7.00 -7.01
CA SER A 31 -6.04 -7.43 -8.10
C SER A 31 -5.50 -8.85 -7.84
N GLU A 32 -4.65 -9.03 -6.82
CA GLU A 32 -4.08 -10.36 -6.51
C GLU A 32 -4.90 -11.07 -5.42
N GLY A 33 -6.22 -11.07 -5.59
CA GLY A 33 -7.13 -11.69 -4.60
C GLY A 33 -6.95 -11.08 -3.20
N ALA A 34 -7.51 -11.74 -2.18
CA ALA A 34 -7.37 -11.26 -0.79
C ALA A 34 -6.02 -11.68 -0.16
N GLY A 35 -4.94 -11.65 -0.95
CA GLY A 35 -3.60 -12.04 -0.45
C GLY A 35 -2.87 -10.85 0.21
N ILE A 36 -3.58 -10.11 1.06
CA ILE A 36 -3.00 -8.93 1.72
C ILE A 36 -3.67 -8.66 3.08
N VAL A 37 -3.29 -7.55 3.71
CA VAL A 37 -3.89 -6.97 4.94
C VAL A 37 -2.93 -7.01 6.15
N PRO A 38 -2.51 -8.16 6.67
CA PRO A 38 -1.63 -8.20 7.87
C PRO A 38 -0.27 -7.54 7.58
N LEU A 39 0.40 -8.00 6.53
CA LEU A 39 1.66 -7.37 6.05
C LEU A 39 1.44 -5.88 5.77
N ASN A 40 0.35 -5.55 5.09
CA ASN A 40 0.06 -4.15 4.69
C ASN A 40 0.00 -3.20 5.90
N ILE A 41 -0.80 -3.54 6.90
CA ILE A 41 -0.89 -2.73 8.13
C ILE A 41 0.48 -2.62 8.80
N GLU A 42 1.20 -3.73 8.93
CA GLU A 42 2.58 -3.71 9.48
C GLU A 42 3.44 -2.66 8.77
N THR A 43 3.54 -2.74 7.44
CA THR A 43 4.35 -1.81 6.63
C THR A 43 4.00 -0.34 6.93
N LEU A 44 2.71 -0.01 6.88
CA LEU A 44 2.26 1.37 7.18
C LEU A 44 2.70 1.84 8.57
N LEU A 45 2.43 1.01 9.58
CA LEU A 45 2.82 1.30 10.98
C LEU A 45 4.33 1.59 11.07
N PHE A 46 5.14 0.67 10.55
CA PHE A 46 6.60 0.82 10.51
C PHE A 46 7.01 2.16 9.89
N MET A 47 6.50 2.47 8.70
CA MET A 47 6.78 3.75 8.01
C MET A 47 6.59 4.96 8.93
N VAL A 48 5.47 5.03 9.65
CA VAL A 48 5.24 6.11 10.63
C VAL A 48 6.42 6.22 11.62
N LEU A 49 6.79 5.10 12.24
CA LEU A 49 7.94 5.06 13.17
C LEU A 49 9.22 5.59 12.51
N ASP A 50 9.57 5.09 11.32
CA ASP A 50 10.75 5.56 10.59
C ASP A 50 10.77 7.08 10.47
N VAL A 51 9.71 7.66 9.90
CA VAL A 51 9.62 9.12 9.71
C VAL A 51 9.85 9.86 11.03
N SER A 52 9.10 9.53 12.08
CA SER A 52 9.24 10.24 13.38
C SER A 52 10.69 10.18 13.90
N ALA A 53 11.31 9.00 13.84
CA ALA A 53 12.71 8.82 14.27
C ALA A 53 13.66 9.75 13.50
N LYS A 54 13.62 9.74 12.17
CA LYS A 54 14.47 10.63 11.36
C LYS A 54 14.27 12.11 11.70
N VAL A 55 13.02 12.58 11.82
CA VAL A 55 12.75 13.97 12.22
C VAL A 55 13.41 14.32 13.56
N GLY A 56 13.21 13.49 14.58
CA GLY A 56 13.84 13.70 15.90
C GLY A 56 15.36 13.81 15.79
N PHE A 57 15.99 12.84 15.13
CA PHE A 57 17.45 12.83 14.92
C PHE A 57 17.91 14.15 14.27
N GLY A 58 17.27 14.54 13.17
CA GLY A 58 17.59 15.80 12.47
C GLY A 58 17.54 17.01 13.40
N LEU A 59 16.46 17.14 14.18
CA LEU A 59 16.33 18.23 15.17
C LEU A 59 17.52 18.30 16.13
N ILE A 60 17.87 17.16 16.75
CA ILE A 60 19.02 17.10 17.67
C ILE A 60 20.31 17.54 16.97
N LEU A 61 20.59 16.96 15.80
CA LEU A 61 21.78 17.28 15.00
C LEU A 61 21.88 18.78 14.73
N LEU A 62 20.85 19.35 14.10
CA LEU A 62 20.78 20.78 13.77
C LEU A 62 20.32 21.59 14.99
N ARG A 63 21.12 21.52 16.06
CA ARG A 63 20.84 22.21 17.33
C ARG A 63 22.04 22.07 18.28
N SER A 64 22.50 20.85 18.53
CA SER A 64 23.68 20.60 19.40
C SER A 64 24.58 19.50 18.80
N ARG A 65 25.15 19.81 17.64
CA ARG A 65 26.13 18.95 16.96
C ARG A 65 26.64 19.72 15.74
N ALA A 66 25.71 20.08 14.84
CA ALA A 66 26.02 20.93 13.67
C ALA A 66 25.94 22.40 14.04
N ILE A 67 24.83 22.84 14.67
CA ILE A 67 24.67 24.25 15.05
C ILE A 67 25.63 24.62 16.19
N PHE A 68 25.33 24.20 17.42
CA PHE A 68 26.31 24.31 18.52
C PHE A 68 27.01 22.95 18.69
N GLY A 69 27.85 22.80 19.71
CA GLY A 69 28.43 21.47 20.03
C GLY A 69 27.40 20.51 20.65
N MET A 1 -3.34 27.51 20.39
CA MET A 1 -2.87 28.91 20.45
C MET A 1 -1.90 29.17 19.31
N ARG A 2 -1.76 30.45 18.91
CA ARG A 2 -1.43 30.82 17.52
C ARG A 2 -2.67 30.50 16.65
N PRO A 3 -2.86 31.10 15.46
CA PRO A 3 -3.96 30.70 14.56
C PRO A 3 -3.73 29.36 13.83
N GLU A 4 -3.22 28.37 14.57
CA GLU A 4 -2.99 26.99 14.07
C GLU A 4 -2.53 26.90 12.61
N VAL A 5 -1.63 27.80 12.19
CA VAL A 5 -1.08 27.76 10.82
C VAL A 5 -0.13 26.56 10.67
N ALA A 6 0.88 26.48 11.54
CA ALA A 6 1.77 25.32 11.59
C ALA A 6 0.98 24.05 11.93
N SER A 7 0.02 24.18 12.85
CA SER A 7 -0.82 23.06 13.28
C SER A 7 -1.51 22.37 12.08
N THR A 8 -2.31 23.13 11.32
CA THR A 8 -2.97 22.58 10.12
C THR A 8 -1.98 22.06 9.09
N PHE A 9 -0.91 22.80 8.81
CA PHE A 9 0.14 22.36 7.87
C PHE A 9 0.62 20.93 8.17
N LYS A 10 1.06 20.70 9.41
CA LYS A 10 1.53 19.36 9.84
C LYS A 10 0.47 18.28 9.60
N VAL A 11 -0.75 18.49 10.09
CA VAL A 11 -1.85 17.52 9.91
C VAL A 11 -2.05 17.16 8.43
N LEU A 12 -2.20 18.18 7.57
CA LEU A 12 -2.41 17.98 6.12
C LEU A 12 -1.28 17.14 5.51
N ARG A 13 -0.05 17.61 5.65
CA ARG A 13 1.13 16.94 5.05
C ARG A 13 1.17 15.45 5.46
N ASN A 14 1.03 15.19 6.76
CA ASN A 14 0.95 13.81 7.28
C ASN A 14 -0.12 12.99 6.54
N VAL A 15 -1.39 13.40 6.64
CA VAL A 15 -2.51 12.62 6.07
C VAL A 15 -2.33 12.35 4.57
N THR A 16 -1.96 13.35 3.78
CA THR A 16 -1.75 13.17 2.33
C THR A 16 -0.67 12.12 2.02
N VAL A 17 0.51 12.23 2.65
CA VAL A 17 1.58 11.24 2.44
C VAL A 17 1.14 9.82 2.83
N VAL A 18 0.48 9.67 3.98
CA VAL A 18 -0.09 8.37 4.39
C VAL A 18 -1.01 7.81 3.30
N LEU A 19 -2.01 8.56 2.88
CA LEU A 19 -2.95 8.13 1.82
C LEU A 19 -2.20 7.64 0.58
N TRP A 20 -1.24 8.43 0.11
CA TRP A 20 -0.39 8.06 -1.05
C TRP A 20 0.20 6.64 -0.90
N SER A 21 0.96 6.39 0.17
CA SER A 21 1.59 5.07 0.38
C SER A 21 0.55 3.95 0.49
N ALA A 22 -0.55 4.23 1.21
CA ALA A 22 -1.67 3.28 1.35
C ALA A 22 -2.33 2.92 0.02
N TYR A 23 -2.30 3.81 -0.97
CA TYR A 23 -3.07 3.61 -2.22
C TYR A 23 -2.77 2.27 -2.93
N PRO A 24 -1.51 1.93 -3.25
CA PRO A 24 -1.16 0.63 -3.83
C PRO A 24 -1.57 -0.56 -2.95
N VAL A 25 -1.46 -0.42 -1.63
CA VAL A 25 -1.91 -1.49 -0.71
C VAL A 25 -3.42 -1.77 -0.91
N VAL A 26 -4.23 -0.70 -0.84
CA VAL A 26 -5.68 -0.79 -1.07
C VAL A 26 -6.00 -1.45 -2.41
N TRP A 27 -5.31 -1.05 -3.48
CA TRP A 27 -5.45 -1.73 -4.79
C TRP A 27 -5.25 -3.25 -4.65
N LEU A 28 -4.08 -3.67 -4.15
CA LEU A 28 -3.74 -5.09 -4.03
C LEU A 28 -4.83 -5.88 -3.31
N ILE A 29 -5.39 -5.32 -2.23
CA ILE A 29 -6.57 -5.91 -1.57
C ILE A 29 -7.71 -6.08 -2.58
N GLY A 30 -8.19 -4.97 -3.16
CA GLY A 30 -9.27 -4.98 -4.15
C GLY A 30 -8.78 -5.34 -5.56
N SER A 31 -8.08 -6.47 -5.66
CA SER A 31 -7.54 -6.99 -6.93
C SER A 31 -6.97 -8.40 -6.71
N GLU A 32 -6.54 -8.69 -5.47
CA GLU A 32 -5.72 -9.87 -5.12
C GLU A 32 -4.64 -10.20 -6.18
N GLY A 33 -4.01 -9.16 -6.74
CA GLY A 33 -2.94 -9.33 -7.74
C GLY A 33 -1.58 -9.71 -7.12
N ALA A 34 -1.57 -10.74 -6.28
CA ALA A 34 -0.36 -11.22 -5.59
C ALA A 34 0.62 -11.88 -6.57
N GLY A 35 1.43 -11.06 -7.24
CA GLY A 35 2.33 -11.55 -8.30
C GLY A 35 1.55 -12.13 -9.48
N ILE A 36 0.31 -11.66 -9.68
CA ILE A 36 -0.50 -12.12 -10.82
C ILE A 36 0.02 -11.55 -12.14
N VAL A 37 0.54 -10.32 -12.13
CA VAL A 37 1.12 -9.71 -13.34
C VAL A 37 2.18 -10.64 -14.00
N PRO A 38 3.28 -10.99 -13.32
CA PRO A 38 4.31 -11.88 -13.90
C PRO A 38 3.77 -13.28 -14.24
N LEU A 39 2.89 -13.82 -13.39
CA LEU A 39 2.22 -15.10 -13.68
C LEU A 39 1.60 -15.10 -15.09
N ASN A 40 0.69 -14.17 -15.35
CA ASN A 40 0.02 -14.06 -16.66
C ASN A 40 1.01 -13.83 -17.82
N ILE A 41 2.03 -13.01 -17.63
CA ILE A 41 3.08 -12.85 -18.67
C ILE A 41 3.63 -14.22 -19.09
N GLU A 42 4.11 -15.02 -18.14
CA GLU A 42 4.60 -16.38 -18.44
C GLU A 42 3.55 -17.22 -19.15
N THR A 43 2.33 -17.26 -18.60
CA THR A 43 1.22 -18.03 -19.18
C THR A 43 1.03 -17.74 -20.67
N LEU A 44 1.03 -16.45 -21.05
CA LEU A 44 0.93 -16.04 -22.46
C LEU A 44 2.00 -16.71 -23.33
N LEU A 45 3.28 -16.52 -23.01
CA LEU A 45 4.37 -17.13 -23.81
C LEU A 45 4.21 -18.65 -23.93
N PHE A 46 3.96 -19.32 -22.81
CA PHE A 46 3.74 -20.78 -22.79
C PHE A 46 2.63 -21.17 -23.80
N MET A 47 1.46 -20.57 -23.67
CA MET A 47 0.31 -20.86 -24.55
C MET A 47 0.65 -20.69 -26.03
N VAL A 48 1.30 -19.59 -26.41
CA VAL A 48 1.73 -19.38 -27.81
C VAL A 48 2.50 -20.60 -28.35
N LEU A 49 3.52 -21.05 -27.62
CA LEU A 49 4.31 -22.23 -28.00
C LEU A 49 3.42 -23.48 -28.16
N ASP A 50 2.56 -23.73 -27.17
CA ASP A 50 1.63 -24.88 -27.19
C ASP A 50 0.78 -24.92 -28.46
N VAL A 51 0.09 -23.81 -28.76
CA VAL A 51 -0.77 -23.70 -29.95
C VAL A 51 0.02 -23.96 -31.24
N SER A 52 1.13 -23.24 -31.45
CA SER A 52 1.94 -23.42 -32.68
C SER A 52 2.38 -24.87 -32.88
N ALA A 53 2.87 -25.51 -31.81
CA ALA A 53 3.25 -26.94 -31.86
C ALA A 53 2.08 -27.84 -32.31
N LYS A 54 0.90 -27.66 -31.71
CA LYS A 54 -0.29 -28.44 -32.11
C LYS A 54 -0.65 -28.27 -33.59
N VAL A 55 -0.64 -27.04 -34.11
CA VAL A 55 -0.85 -26.80 -35.54
C VAL A 55 0.16 -27.61 -36.38
N GLY A 56 1.45 -27.50 -36.06
CA GLY A 56 2.50 -28.27 -36.74
C GLY A 56 2.17 -29.77 -36.79
N PHE A 57 1.85 -30.36 -35.63
CA PHE A 57 1.42 -31.77 -35.53
C PHE A 57 0.32 -32.11 -36.54
N GLY A 58 -0.73 -31.27 -36.59
CA GLY A 58 -1.82 -31.44 -37.58
C GLY A 58 -1.30 -31.58 -39.02
N LEU A 59 -0.46 -30.64 -39.45
CA LEU A 59 0.15 -30.70 -40.80
C LEU A 59 0.94 -32.00 -41.01
N ILE A 60 1.85 -32.32 -40.08
CA ILE A 60 2.67 -33.56 -40.15
C ILE A 60 1.79 -34.79 -40.40
N LEU A 61 0.72 -34.94 -39.63
CA LEU A 61 -0.25 -36.02 -39.87
C LEU A 61 -0.77 -35.97 -41.31
N LEU A 62 -1.37 -34.85 -41.71
CA LEU A 62 -1.94 -34.70 -43.06
C LEU A 62 -0.87 -34.28 -44.08
N ARG A 63 0.24 -35.03 -44.13
CA ARG A 63 1.36 -34.73 -45.04
C ARG A 63 2.29 -35.94 -45.17
N SER A 64 2.69 -36.56 -44.06
CA SER A 64 3.52 -37.78 -44.08
C SER A 64 3.15 -38.74 -42.94
N ARG A 65 1.89 -39.17 -42.91
CA ARG A 65 1.42 -40.17 -41.92
C ARG A 65 0.04 -40.70 -42.33
N ALA A 66 -0.96 -39.81 -42.38
CA ALA A 66 -2.29 -40.12 -42.92
C ALA A 66 -2.34 -39.66 -44.39
N ILE A 67 -1.90 -38.42 -44.62
CA ILE A 67 -1.75 -37.87 -45.98
C ILE A 67 -3.06 -37.92 -46.79
N PHE A 68 -4.10 -37.24 -46.32
CA PHE A 68 -5.38 -37.18 -47.08
C PHE A 68 -5.26 -36.19 -48.25
N GLY A 69 -6.29 -36.13 -49.11
CA GLY A 69 -6.31 -35.20 -50.25
C GLY A 69 -7.65 -35.24 -51.01
#